data_8UG1
#
_entry.id   8UG1
#
_cell.length_a   82.583
_cell.length_b   86.793
_cell.length_c   136.432
_cell.angle_alpha   90.00
_cell.angle_beta   90.00
_cell.angle_gamma   90.00
#
_symmetry.space_group_name_H-M   'P 21 21 21'
#
loop_
_entity.id
_entity.type
_entity.pdbx_description
1 polymer Ketohexokinase
2 non-polymer {(2R)-1-[(4M)-4-[1-(piperidin-4-yl)-1H-pyrazol-4-yl]-6-(trifluoromethyl)pyrimidin-2-yl]azetidin-2-yl}methanol
3 non-polymer 'SULFATE ION'
4 non-polymer GLYCEROL
5 water water
#
_entity_poly.entity_id   1
_entity_poly.type   'polypeptide(L)'
_entity_poly.pdbx_seq_one_letter_code
;MSLGSSHHHHHHSSGLVPRGSQILCVGLVVLDVISLVDKYPKEDSEIRCLSQRWQRGGNASNSCTVLSLLGAPCAFMGSM
APGHVADFLVADFRRRGVDVSQVAWQSKGDTPSSCCIINNSNGNRTIVLHDTSLPDVSATDFEKVDLTQFKWIHIEGRNA
SEQVKMLQRIDAHNTRQPPEQKIRVSVEVEKPREELFQLFGYGDVVFVSKDVAKHLGFQSAEEALRGLYGRVRKGAVLVC
AWAEEGADALGPDGKLLHSDAFPPPRVVDTLGAGDTFNASVIFSLSQGRSVQEALRFGCQVAGKKCGLQGFDGIV
;
_entity_poly.pdbx_strand_id   A,B
#
loop_
_chem_comp.id
_chem_comp.type
_chem_comp.name
_chem_comp.formula
GOL non-polymer GLYCEROL 'C3 H8 O3'
SO4 non-polymer 'SULFATE ION' 'O4 S -2'
WNH non-polymer {(2R)-1-[(4M)-4-[1-(piperidin-4-yl)-1H-pyrazol-4-yl]-6-(trifluoromethyl)pyrimidin-2-yl]azetidin-2-yl}methanol 'C17 H21 F3 N6 O'
#
# COMPACT_ATOMS: atom_id res chain seq x y z
N PRO A 18 17.46 -30.86 17.13
CA PRO A 18 16.76 -29.73 17.76
C PRO A 18 17.31 -29.20 19.09
N ARG A 19 18.60 -29.43 19.37
CA ARG A 19 19.32 -28.73 20.43
C ARG A 19 20.45 -27.91 19.79
N GLY A 20 20.56 -26.64 20.20
CA GLY A 20 21.29 -25.62 19.46
C GLY A 20 21.43 -25.90 17.96
N SER A 21 20.33 -26.12 17.22
CA SER A 21 20.50 -26.30 15.78
C SER A 21 19.85 -25.16 14.95
N GLN A 22 19.23 -24.17 15.61
CA GLN A 22 18.40 -23.16 14.97
C GLN A 22 19.03 -21.79 15.18
N ILE A 23 18.73 -20.83 14.29
CA ILE A 23 19.08 -19.44 14.55
C ILE A 23 17.82 -18.65 14.85
N LEU A 24 17.85 -17.87 15.93
CA LEU A 24 16.68 -17.10 16.29
C LEU A 24 17.00 -15.65 15.95
N CYS A 25 16.03 -14.97 15.32
CA CYS A 25 16.15 -13.52 15.22
C CYS A 25 14.99 -12.88 15.95
N VAL A 26 15.36 -11.85 16.71
CA VAL A 26 14.42 -11.09 17.50
C VAL A 26 14.41 -9.67 16.96
N GLY A 27 13.23 -9.20 16.51
CA GLY A 27 13.04 -7.83 16.07
C GLY A 27 11.65 -7.66 15.44
N LEU A 28 11.53 -6.83 14.39
CA LEU A 28 10.22 -6.47 13.85
C LEU A 28 9.85 -7.32 12.65
N VAL A 29 8.54 -7.51 12.48
CA VAL A 29 7.97 -8.00 11.24
C VAL A 29 6.93 -6.99 10.77
N VAL A 30 6.97 -6.59 9.48
CA VAL A 30 6.19 -5.46 8.99
C VAL A 30 5.66 -5.87 7.63
N LEU A 31 4.42 -5.44 7.30
CA LEU A 31 3.91 -5.66 5.96
C LEU A 31 4.43 -4.54 5.05
N ASP A 32 5.23 -4.90 4.05
CA ASP A 32 5.78 -3.89 3.14
C ASP A 32 4.91 -3.87 1.90
N VAL A 33 4.24 -2.74 1.71
CA VAL A 33 3.37 -2.60 0.56
C VAL A 33 4.23 -1.86 -0.48
N ILE A 34 4.61 -2.58 -1.52
CA ILE A 34 5.70 -2.02 -2.33
C ILE A 34 5.16 -1.56 -3.68
N SER A 35 5.64 -0.40 -4.12
CA SER A 35 5.42 0.07 -5.48
C SER A 35 6.78 0.24 -6.15
N LEU A 36 6.96 -0.38 -7.31
CA LEU A 36 8.19 -0.24 -8.10
C LEU A 36 7.95 0.84 -9.14
N VAL A 37 8.77 1.89 -9.07
CA VAL A 37 8.68 3.01 -10.00
C VAL A 37 9.97 3.16 -10.83
N ASP A 38 9.74 3.84 -11.95
CA ASP A 38 10.69 4.31 -12.97
C ASP A 38 11.50 5.49 -12.43
N LYS A 39 10.83 6.38 -11.69
CA LYS A 39 11.42 7.62 -11.21
C LYS A 39 10.70 7.95 -9.90
N TYR A 40 11.44 8.49 -8.94
CA TYR A 40 10.84 8.86 -7.68
C TYR A 40 9.99 10.11 -7.90
N PRO A 41 8.69 10.15 -7.53
CA PRO A 41 7.84 11.30 -7.88
C PRO A 41 8.27 12.57 -7.16
N LYS A 42 8.30 13.73 -7.87
CA LYS A 42 8.57 14.99 -7.19
C LYS A 42 7.37 15.31 -6.29
N GLU A 43 7.61 16.02 -5.17
CA GLU A 43 6.53 16.51 -4.31
C GLU A 43 5.34 17.03 -5.14
N ASP A 44 4.14 16.67 -4.68
CA ASP A 44 2.90 17.23 -5.20
C ASP A 44 2.58 16.74 -6.62
N SER A 45 3.34 15.79 -7.16
CA SER A 45 3.04 15.23 -8.47
C SER A 45 2.42 13.83 -8.35
N GLU A 46 2.12 13.26 -9.50
CA GLU A 46 1.57 11.92 -9.57
C GLU A 46 2.31 11.15 -10.66
N ILE A 47 2.71 9.91 -10.36
CA ILE A 47 3.42 9.02 -11.29
C ILE A 47 2.79 7.63 -11.11
N ARG A 48 2.79 6.83 -12.17
CA ARG A 48 2.19 5.51 -12.08
C ARG A 48 3.29 4.47 -11.87
N CYS A 49 3.05 3.50 -10.98
CA CYS A 49 4.10 2.53 -10.78
C CYS A 49 4.14 1.48 -11.90
N LEU A 50 5.29 0.80 -12.03
CA LEU A 50 5.43 -0.28 -12.97
C LEU A 50 4.80 -1.54 -12.40
N SER A 51 4.92 -1.81 -11.09
CA SER A 51 4.32 -3.04 -10.55
C SER A 51 4.19 -2.89 -9.04
N GLN A 52 3.34 -3.73 -8.41
CA GLN A 52 2.95 -3.57 -7.01
C GLN A 52 3.21 -4.94 -6.41
N ARG A 53 3.62 -5.06 -5.14
CA ARG A 53 3.52 -6.37 -4.52
C ARG A 53 3.51 -6.11 -3.02
N TRP A 54 3.23 -7.18 -2.27
CA TRP A 54 3.36 -7.19 -0.83
C TRP A 54 4.59 -8.03 -0.48
N GLN A 55 5.34 -7.63 0.54
CA GLN A 55 6.44 -8.46 1.01
C GLN A 55 6.38 -8.49 2.54
N ARG A 56 6.61 -9.67 3.13
CA ARG A 56 6.90 -9.69 4.56
C ARG A 56 8.24 -9.00 4.79
N GLY A 57 8.26 -7.90 5.54
CA GLY A 57 9.49 -7.18 5.85
C GLY A 57 9.70 -7.07 7.35
N GLY A 58 10.44 -6.03 7.76
CA GLY A 58 11.06 -5.90 9.06
C GLY A 58 12.46 -6.56 9.08
N ASN A 59 13.38 -5.93 9.77
CA ASN A 59 14.79 -6.32 9.69
C ASN A 59 15.01 -7.78 10.12
N ALA A 60 14.57 -8.16 11.34
CA ALA A 60 14.76 -9.52 11.82
C ALA A 60 13.99 -10.48 10.93
N SER A 61 12.83 -10.01 10.47
CA SER A 61 11.99 -10.86 9.62
C SER A 61 12.69 -11.13 8.28
N ASN A 62 13.21 -10.07 7.64
CA ASN A 62 13.97 -10.20 6.40
C ASN A 62 15.21 -11.09 6.61
N SER A 63 15.88 -10.94 7.75
CA SER A 63 17.03 -11.83 7.99
C SER A 63 16.58 -13.29 8.05
N CYS A 64 15.39 -13.58 8.62
CA CYS A 64 14.90 -14.95 8.60
C CYS A 64 14.65 -15.49 7.19
N THR A 65 14.10 -14.63 6.32
CA THR A 65 13.91 -15.03 4.94
C THR A 65 15.24 -15.51 4.35
N VAL A 66 16.30 -14.71 4.58
CA VAL A 66 17.60 -14.99 3.97
C VAL A 66 18.24 -16.28 4.57
N LEU A 67 18.20 -16.41 5.91
CA LEU A 67 18.67 -17.65 6.55
C LEU A 67 17.97 -18.87 5.99
N SER A 68 16.64 -18.77 5.86
CA SER A 68 15.86 -19.84 5.29
C SER A 68 16.32 -20.13 3.87
N LEU A 69 16.54 -19.09 3.05
CA LEU A 69 16.96 -19.40 1.70
C LEU A 69 18.37 -20.01 1.75
N LEU A 70 19.17 -19.64 2.74
CA LEU A 70 20.51 -20.20 2.79
C LEU A 70 20.48 -21.61 3.38
N GLY A 71 19.34 -22.04 3.91
CA GLY A 71 19.20 -23.41 4.35
C GLY A 71 19.40 -23.58 5.87
N ALA A 72 19.45 -22.49 6.63
CA ALA A 72 19.64 -22.54 8.07
C ALA A 72 18.27 -22.63 8.75
N PRO A 73 18.02 -23.62 9.62
CA PRO A 73 16.76 -23.67 10.34
C PRO A 73 16.74 -22.40 11.15
N CYS A 74 15.59 -21.69 11.13
CA CYS A 74 15.65 -20.45 11.87
C CYS A 74 14.27 -20.12 12.43
N ALA A 75 14.25 -19.23 13.40
CA ALA A 75 13.05 -18.91 14.11
C ALA A 75 12.97 -17.40 14.18
N PHE A 76 11.73 -16.90 14.19
CA PHE A 76 11.55 -15.47 14.39
C PHE A 76 10.77 -15.24 15.70
N MET A 77 11.14 -14.19 16.42
CA MET A 77 10.37 -13.74 17.55
C MET A 77 10.22 -12.24 17.47
N GLY A 78 8.96 -11.79 17.37
CA GLY A 78 8.58 -10.39 17.48
C GLY A 78 7.07 -10.27 17.81
N SER A 79 6.58 -9.05 18.01
CA SER A 79 5.16 -8.82 18.27
C SER A 79 4.36 -8.87 16.97
N MET A 80 3.18 -9.51 17.01
CA MET A 80 2.20 -9.44 15.93
C MET A 80 0.80 -9.31 16.59
N ALA A 81 -0.14 -8.60 15.94
CA ALA A 81 -1.54 -8.50 16.37
C ALA A 81 -2.38 -9.41 15.47
N PRO A 82 -3.27 -10.28 15.99
CA PRO A 82 -4.07 -11.15 15.11
C PRO A 82 -4.91 -10.25 14.19
N GLY A 83 -5.23 -10.74 13.00
CA GLY A 83 -5.76 -9.91 11.93
C GLY A 83 -5.50 -10.53 10.57
N HIS A 84 -6.06 -9.94 9.51
CA HIS A 84 -5.82 -10.46 8.17
C HIS A 84 -4.36 -10.33 7.72
N VAL A 85 -3.72 -9.21 8.14
CA VAL A 85 -2.34 -8.83 7.82
C VAL A 85 -1.39 -9.82 8.50
N ALA A 86 -1.52 -10.00 9.83
CA ALA A 86 -0.74 -11.03 10.49
C ALA A 86 -0.93 -12.39 9.82
N ASP A 87 -2.10 -12.68 9.27
CA ASP A 87 -2.31 -13.98 8.64
C ASP A 87 -1.47 -14.10 7.37
N PHE A 88 -1.40 -13.00 6.62
CA PHE A 88 -0.54 -12.97 5.45
C PHE A 88 0.93 -13.18 5.89
N LEU A 89 1.36 -12.42 6.90
CA LEU A 89 2.73 -12.48 7.39
C LEU A 89 3.07 -13.90 7.87
N VAL A 90 2.14 -14.54 8.60
CA VAL A 90 2.32 -15.87 9.18
C VAL A 90 2.44 -16.89 8.06
N ALA A 91 1.52 -16.81 7.09
CA ALA A 91 1.56 -17.73 5.95
C ALA A 91 2.91 -17.62 5.22
N ASP A 92 3.45 -16.40 5.12
CA ASP A 92 4.70 -16.19 4.39
C ASP A 92 5.88 -16.81 5.17
N PHE A 93 5.97 -16.55 6.47
CA PHE A 93 6.92 -17.20 7.37
C PHE A 93 6.90 -18.72 7.19
N ARG A 94 5.70 -19.29 7.11
CA ARG A 94 5.55 -20.73 7.02
C ARG A 94 5.91 -21.27 5.65
N ARG A 95 5.56 -20.53 4.58
CA ARG A 95 6.00 -20.97 3.28
C ARG A 95 7.54 -21.01 3.21
N ARG A 96 8.24 -20.20 4.02
CA ARG A 96 9.70 -20.21 4.00
C ARG A 96 10.23 -21.16 5.06
N GLY A 97 9.36 -21.72 5.90
CA GLY A 97 9.79 -22.68 6.89
C GLY A 97 10.35 -21.99 8.11
N VAL A 98 9.92 -20.74 8.31
CA VAL A 98 10.45 -20.03 9.47
C VAL A 98 9.54 -20.39 10.64
N ASP A 99 10.15 -20.79 11.77
CA ASP A 99 9.46 -21.15 12.98
C ASP A 99 8.91 -19.89 13.67
N VAL A 100 7.59 -19.84 13.93
CA VAL A 100 6.91 -18.68 14.54
C VAL A 100 6.40 -18.95 15.97
N SER A 101 6.74 -20.12 16.50
CA SER A 101 6.28 -20.58 17.80
C SER A 101 6.56 -19.52 18.88
N GLN A 102 7.58 -18.67 18.70
CA GLN A 102 7.96 -17.74 19.77
C GLN A 102 7.35 -16.36 19.57
N VAL A 103 6.44 -16.24 18.59
CA VAL A 103 5.83 -14.93 18.33
C VAL A 103 5.06 -14.44 19.56
N ALA A 104 5.25 -13.18 19.94
CA ALA A 104 4.53 -12.60 21.07
C ALA A 104 3.24 -11.93 20.60
N TRP A 105 2.18 -12.74 20.43
CA TRP A 105 0.87 -12.27 20.01
C TRP A 105 0.30 -11.23 20.97
N GLN A 106 0.01 -10.01 20.46
CA GLN A 106 -0.55 -8.94 21.26
C GLN A 106 -2.07 -8.94 21.11
N SER A 107 -2.78 -8.31 22.05
CA SER A 107 -4.21 -8.09 21.84
C SER A 107 -4.51 -6.60 21.66
N LYS A 108 -3.60 -5.70 22.09
CA LYS A 108 -3.63 -4.27 21.78
C LYS A 108 -2.74 -3.96 20.55
N GLY A 109 -3.24 -3.11 19.62
CA GLY A 109 -2.47 -2.60 18.49
C GLY A 109 -2.74 -3.31 17.15
N ASP A 110 -2.37 -2.63 16.04
CA ASP A 110 -2.40 -3.21 14.70
C ASP A 110 -1.01 -3.67 14.27
N THR A 111 -0.97 -4.54 13.26
CA THR A 111 0.27 -5.02 12.68
C THR A 111 0.95 -3.85 11.95
N PRO A 112 2.25 -3.51 12.18
CA PRO A 112 2.85 -2.36 11.49
C PRO A 112 2.91 -2.63 9.98
N SER A 113 2.88 -1.54 9.21
CA SER A 113 2.93 -1.66 7.78
C SER A 113 3.67 -0.43 7.26
N SER A 114 4.20 -0.54 6.05
CA SER A 114 4.95 0.56 5.46
C SER A 114 4.62 0.64 3.98
N CYS A 115 4.67 1.85 3.42
CA CYS A 115 4.64 1.96 1.96
C CYS A 115 6.08 2.11 1.50
N CYS A 116 6.51 1.20 0.61
CA CYS A 116 7.90 1.23 0.18
C CYS A 116 7.92 1.57 -1.31
N ILE A 117 8.58 2.69 -1.65
CA ILE A 117 8.69 3.00 -3.06
C ILE A 117 10.11 2.62 -3.51
N ILE A 118 10.19 1.67 -4.45
CA ILE A 118 11.48 1.20 -4.92
C ILE A 118 11.73 1.75 -6.32
N ASN A 119 12.82 2.49 -6.44
CA ASN A 119 13.22 3.07 -7.72
C ASN A 119 13.96 2.00 -8.52
N ASN A 120 13.36 1.59 -9.61
CA ASN A 120 13.84 0.54 -10.48
C ASN A 120 15.17 0.89 -11.17
N SER A 121 15.49 2.18 -11.27
CA SER A 121 16.63 2.72 -12.00
C SER A 121 17.92 2.64 -11.20
N ASN A 122 17.84 2.76 -9.88
CA ASN A 122 19.06 2.71 -9.10
C ASN A 122 18.82 1.91 -7.82
N GLY A 123 17.65 1.29 -7.72
CA GLY A 123 17.28 0.48 -6.56
C GLY A 123 17.12 1.26 -5.25
N ASN A 124 17.19 2.61 -5.30
CA ASN A 124 16.85 3.41 -4.11
C ASN A 124 15.51 2.94 -3.53
N ARG A 125 15.34 3.05 -2.21
CA ARG A 125 14.07 2.64 -1.63
C ARG A 125 13.69 3.66 -0.55
N THR A 126 12.45 4.14 -0.66
CA THR A 126 11.88 5.14 0.23
C THR A 126 10.81 4.45 1.07
N ILE A 127 10.95 4.50 2.40
CA ILE A 127 10.07 3.74 3.28
C ILE A 127 9.25 4.71 4.10
N VAL A 128 7.93 4.56 4.05
CA VAL A 128 7.04 5.36 4.89
C VAL A 128 6.40 4.41 5.89
N LEU A 129 6.96 4.41 7.10
CA LEU A 129 6.60 3.37 8.06
C LEU A 129 5.48 3.85 8.99
N HIS A 130 4.49 2.98 9.20
CA HIS A 130 3.41 3.21 10.13
C HIS A 130 3.66 2.38 11.38
N ASP A 131 4.10 3.08 12.43
CA ASP A 131 4.23 2.49 13.75
C ASP A 131 2.90 2.52 14.48
N THR A 132 2.47 1.30 14.87
CA THR A 132 1.13 1.08 15.36
C THR A 132 1.16 0.91 16.88
N SER A 133 2.20 1.47 17.52
CA SER A 133 2.37 1.36 18.96
C SER A 133 2.02 -0.05 19.47
N LEU A 134 2.15 -1.07 18.60
CA LEU A 134 2.19 -2.46 19.01
C LEU A 134 3.27 -2.55 20.10
N PRO A 135 2.99 -3.19 21.26
CA PRO A 135 4.00 -3.33 22.32
C PRO A 135 5.12 -4.25 21.86
N ASP A 136 6.37 -3.92 22.24
CA ASP A 136 7.57 -4.66 21.89
C ASP A 136 7.66 -5.99 22.63
N VAL A 137 8.53 -6.88 22.13
CA VAL A 137 8.91 -8.08 22.86
C VAL A 137 9.64 -7.62 24.13
N SER A 138 9.27 -8.20 25.28
CA SER A 138 9.75 -7.77 26.59
C SER A 138 10.72 -8.83 27.15
N ALA A 139 11.48 -8.43 28.19
CA ALA A 139 12.34 -9.36 28.91
C ALA A 139 11.56 -10.60 29.36
N THR A 140 10.29 -10.35 29.73
CA THR A 140 9.43 -11.34 30.35
C THR A 140 8.98 -12.33 29.28
N ASP A 141 8.67 -11.84 28.07
CA ASP A 141 8.42 -12.72 26.93
C ASP A 141 9.64 -13.61 26.67
N PHE A 142 10.81 -12.95 26.72
CA PHE A 142 12.07 -13.60 26.41
C PHE A 142 12.31 -14.70 27.44
N GLU A 143 12.05 -14.35 28.71
CA GLU A 143 12.10 -15.28 29.82
C GLU A 143 11.53 -16.65 29.43
N LYS A 144 10.35 -16.67 28.79
CA LYS A 144 9.62 -17.91 28.49
C LYS A 144 10.29 -18.74 27.40
N VAL A 145 11.38 -18.25 26.76
CA VAL A 145 11.93 -18.94 25.60
C VAL A 145 12.96 -19.98 26.02
N ASP A 146 12.88 -21.17 25.41
CA ASP A 146 13.78 -22.30 25.64
C ASP A 146 15.05 -22.18 24.80
N LEU A 147 16.11 -21.68 25.43
CA LEU A 147 17.35 -21.29 24.78
C LEU A 147 18.11 -22.48 24.21
N THR A 148 17.59 -23.70 24.42
CA THR A 148 18.44 -24.85 24.14
C THR A 148 18.33 -25.27 22.67
N GLN A 149 17.35 -24.72 21.94
CA GLN A 149 17.20 -25.10 20.54
C GLN A 149 18.07 -24.21 19.62
N PHE A 150 18.69 -23.17 20.19
CA PHE A 150 19.36 -22.14 19.39
C PHE A 150 20.89 -22.27 19.46
N LYS A 151 21.55 -22.23 18.29
CA LYS A 151 23.00 -22.08 18.25
C LYS A 151 23.41 -20.62 18.15
N TRP A 152 22.47 -19.75 17.71
CA TRP A 152 22.80 -18.34 17.48
C TRP A 152 21.54 -17.52 17.79
N ILE A 153 21.75 -16.38 18.43
CA ILE A 153 20.60 -15.52 18.61
C ILE A 153 20.98 -14.12 18.17
N HIS A 154 20.17 -13.59 17.24
CA HIS A 154 20.37 -12.24 16.72
C HIS A 154 19.29 -11.28 17.24
N ILE A 155 19.71 -10.15 17.80
CA ILE A 155 18.77 -9.17 18.27
C ILE A 155 18.89 -7.85 17.54
N GLU A 156 17.77 -7.46 16.88
CA GLU A 156 17.55 -6.15 16.26
C GLU A 156 17.29 -5.15 17.39
N GLY A 157 18.23 -4.22 17.61
CA GLY A 157 18.15 -3.25 18.68
C GLY A 157 16.91 -2.39 18.50
N ARG A 158 16.18 -2.14 19.60
CA ARG A 158 14.97 -1.33 19.52
C ARG A 158 14.62 -0.77 20.91
N ASN A 159 14.03 -1.64 21.75
CA ASN A 159 13.74 -1.39 23.16
C ASN A 159 14.92 -1.85 24.01
N ALA A 160 15.89 -0.96 24.13
CA ALA A 160 17.23 -1.30 24.59
C ALA A 160 17.18 -1.95 25.98
N SER A 161 16.75 -1.17 27.00
CA SER A 161 16.81 -1.65 28.38
C SER A 161 16.15 -3.03 28.52
N GLU A 162 15.04 -3.26 27.83
CA GLU A 162 14.39 -4.56 27.83
C GLU A 162 15.27 -5.64 27.18
N GLN A 163 15.91 -5.29 26.06
CA GLN A 163 16.66 -6.28 25.30
C GLN A 163 17.96 -6.61 26.04
N VAL A 164 18.49 -5.60 26.72
CA VAL A 164 19.68 -5.73 27.54
C VAL A 164 19.46 -6.85 28.55
N LYS A 165 18.27 -6.88 29.16
CA LYS A 165 17.93 -7.97 30.05
C LYS A 165 18.01 -9.32 29.33
N MET A 166 17.52 -9.38 28.07
CA MET A 166 17.49 -10.64 27.32
C MET A 166 18.92 -11.10 27.08
N LEU A 167 19.78 -10.11 26.85
CA LEU A 167 21.17 -10.38 26.53
C LEU A 167 21.84 -10.93 27.80
N GLN A 168 21.58 -10.25 28.93
CA GLN A 168 22.09 -10.69 30.23
C GLN A 168 21.64 -12.10 30.52
N ARG A 169 20.40 -12.43 30.15
CA ARG A 169 19.88 -13.79 30.31
C ARG A 169 20.65 -14.76 29.43
N ILE A 170 21.08 -14.33 28.23
CA ILE A 170 21.78 -15.26 27.35
C ILE A 170 23.16 -15.60 27.94
N ASP A 171 23.87 -14.55 28.41
CA ASP A 171 25.19 -14.67 29.03
C ASP A 171 25.15 -15.65 30.20
N ALA A 172 24.19 -15.41 31.12
CA ALA A 172 23.94 -16.26 32.27
C ALA A 172 23.76 -17.71 31.82
N HIS A 173 22.96 -17.96 30.79
CA HIS A 173 22.81 -19.33 30.29
C HIS A 173 24.14 -19.87 29.78
N ASN A 174 24.92 -18.99 29.15
CA ASN A 174 26.20 -19.40 28.56
C ASN A 174 27.19 -19.90 29.61
N THR A 175 27.32 -19.15 30.71
CA THR A 175 28.12 -19.54 31.87
C THR A 175 27.81 -20.99 32.28
N ARG A 176 26.51 -21.33 32.42
CA ARG A 176 26.10 -22.68 32.80
C ARG A 176 26.51 -23.69 31.72
N GLN A 177 27.45 -23.35 30.81
CA GLN A 177 27.56 -24.17 29.61
C GLN A 177 28.99 -24.49 29.19
N PRO A 178 29.25 -25.73 28.73
CA PRO A 178 30.54 -26.08 28.10
C PRO A 178 30.73 -25.17 26.89
N PRO A 179 31.96 -24.71 26.57
CA PRO A 179 32.23 -24.04 25.29
C PRO A 179 31.77 -24.81 24.05
N GLU A 180 31.54 -26.12 24.19
CA GLU A 180 31.01 -26.92 23.11
C GLU A 180 29.56 -26.52 22.78
N GLN A 181 28.84 -25.90 23.74
CA GLN A 181 27.41 -25.67 23.61
C GLN A 181 27.03 -24.22 23.98
N LYS A 182 27.93 -23.24 23.78
CA LYS A 182 27.62 -21.83 24.04
C LYS A 182 26.75 -21.26 22.90
N ILE A 183 25.89 -20.29 23.22
CA ILE A 183 25.04 -19.69 22.20
C ILE A 183 25.72 -18.43 21.66
N ARG A 184 26.00 -18.40 20.36
CA ARG A 184 26.54 -17.18 19.77
C ARG A 184 25.48 -16.08 19.72
N VAL A 185 25.89 -14.84 19.99
CA VAL A 185 24.94 -13.75 20.02
C VAL A 185 25.44 -12.62 19.10
N SER A 186 24.48 -12.07 18.32
CA SER A 186 24.71 -10.84 17.59
C SER A 186 23.61 -9.81 17.88
N VAL A 187 24.02 -8.56 17.72
CA VAL A 187 23.21 -7.39 17.96
C VAL A 187 23.32 -6.48 16.73
N GLU A 188 22.20 -5.85 16.30
CA GLU A 188 22.23 -4.78 15.33
C GLU A 188 21.82 -3.46 15.98
N VAL A 189 22.67 -2.41 15.83
CA VAL A 189 22.36 -1.02 16.12
C VAL A 189 22.19 -0.29 14.78
N GLU A 190 20.94 -0.17 14.34
CA GLU A 190 20.72 0.34 12.99
C GLU A 190 20.26 1.78 13.00
N LYS A 191 19.46 2.15 14.01
CA LYS A 191 18.86 3.47 13.98
C LYS A 191 19.69 4.37 14.91
N PRO A 192 19.91 5.64 14.54
CA PRO A 192 20.77 6.51 15.35
C PRO A 192 20.27 7.05 16.71
N ARG A 193 19.50 6.26 17.48
CA ARG A 193 18.93 6.67 18.76
C ARG A 193 19.86 6.29 19.92
N GLU A 194 20.17 7.26 20.79
CA GLU A 194 21.21 7.17 21.82
C GLU A 194 20.90 6.03 22.80
N GLU A 195 19.60 5.69 22.91
CA GLU A 195 19.07 4.61 23.74
C GLU A 195 19.75 3.27 23.39
N LEU A 196 20.13 3.10 22.11
CA LEU A 196 20.58 1.81 21.59
C LEU A 196 22.07 1.56 21.85
N PHE A 197 22.84 2.63 22.12
CA PHE A 197 24.29 2.58 22.19
C PHE A 197 24.81 1.63 23.28
N GLN A 198 24.01 1.41 24.33
CA GLN A 198 24.40 0.43 25.33
C GLN A 198 24.40 -0.98 24.72
N LEU A 199 23.74 -1.17 23.58
CA LEU A 199 23.68 -2.53 23.05
C LEU A 199 25.04 -2.97 22.47
N PHE A 200 25.92 -2.02 22.16
CA PHE A 200 27.28 -2.32 21.66
C PHE A 200 28.02 -3.22 22.62
N GLY A 201 27.60 -3.21 23.90
CA GLY A 201 28.37 -3.85 24.94
C GLY A 201 28.06 -5.34 25.05
N TYR A 202 27.13 -5.83 24.22
CA TYR A 202 26.77 -7.24 24.31
C TYR A 202 26.97 -7.88 22.94
N GLY A 203 27.01 -9.21 22.92
CA GLY A 203 27.10 -9.94 21.66
C GLY A 203 28.54 -10.20 21.22
N ASP A 204 28.74 -11.39 20.64
CA ASP A 204 29.95 -11.82 19.94
C ASP A 204 30.23 -10.98 18.69
N VAL A 205 29.13 -10.57 18.04
CA VAL A 205 29.17 -9.81 16.79
C VAL A 205 28.24 -8.62 16.94
N VAL A 206 28.77 -7.43 16.70
CA VAL A 206 27.94 -6.23 16.74
C VAL A 206 27.91 -5.60 15.36
N PHE A 207 26.70 -5.47 14.77
CA PHE A 207 26.49 -4.78 13.50
C PHE A 207 26.09 -3.33 13.75
N VAL A 208 26.90 -2.40 13.25
CA VAL A 208 26.56 -0.98 13.31
C VAL A 208 26.33 -0.46 11.89
N SER A 209 25.27 0.33 11.70
CA SER A 209 24.94 0.76 10.35
C SER A 209 25.74 2.02 10.02
N LYS A 210 25.89 2.24 8.72
CA LYS A 210 26.56 3.43 8.23
C LYS A 210 25.81 4.69 8.69
N ASP A 211 24.47 4.62 8.73
CA ASP A 211 23.66 5.73 9.20
C ASP A 211 24.07 6.09 10.63
N VAL A 212 24.18 5.08 11.50
CA VAL A 212 24.63 5.35 12.86
C VAL A 212 26.03 5.97 12.84
N ALA A 213 26.90 5.40 12.01
CA ALA A 213 28.30 5.80 12.06
C ALA A 213 28.43 7.24 11.62
N LYS A 214 27.68 7.57 10.56
CA LYS A 214 27.75 8.91 10.01
C LYS A 214 27.11 9.86 11.03
N HIS A 215 26.10 9.39 11.75
CA HIS A 215 25.47 10.22 12.76
C HIS A 215 26.43 10.51 13.90
N LEU A 216 27.41 9.62 14.13
CA LEU A 216 28.36 9.82 15.21
C LEU A 216 29.64 10.50 14.73
N GLY A 217 29.61 11.07 13.51
CA GLY A 217 30.71 11.88 12.97
C GLY A 217 31.73 11.12 12.13
N PHE A 218 31.57 9.79 12.00
CA PHE A 218 32.52 8.97 11.25
C PHE A 218 32.18 8.97 9.76
N GLN A 219 33.23 9.02 8.92
CA GLN A 219 33.08 9.24 7.48
C GLN A 219 33.45 7.99 6.66
N SER A 220 33.87 6.90 7.31
CA SER A 220 34.08 5.68 6.55
C SER A 220 33.96 4.52 7.52
N ALA A 221 33.75 3.30 6.97
CA ALA A 221 33.67 2.12 7.81
C ALA A 221 34.92 1.96 8.68
N GLU A 222 36.10 2.15 8.06
CA GLU A 222 37.37 2.04 8.79
C GLU A 222 37.37 3.00 10.00
N GLU A 223 37.00 4.27 9.78
CA GLU A 223 37.09 5.23 10.88
C GLU A 223 36.09 4.84 11.95
N ALA A 224 34.87 4.47 11.51
CA ALA A 224 33.81 4.07 12.41
C ALA A 224 34.25 2.93 13.32
N LEU A 225 34.86 1.89 12.71
CA LEU A 225 35.27 0.71 13.46
C LEU A 225 36.35 1.08 14.49
N ARG A 226 37.33 1.91 14.07
CA ARG A 226 38.37 2.40 14.98
C ARG A 226 37.73 3.21 16.12
N GLY A 227 36.83 4.12 15.75
CA GLY A 227 36.10 4.97 16.69
C GLY A 227 35.22 4.23 17.69
N LEU A 228 34.57 3.12 17.32
CA LEU A 228 33.55 2.53 18.17
C LEU A 228 34.01 1.23 18.80
N TYR A 229 35.18 0.69 18.39
CA TYR A 229 35.59 -0.61 18.90
C TYR A 229 35.64 -0.59 20.44
N GLY A 230 36.09 0.55 20.99
CA GLY A 230 36.15 0.77 22.43
C GLY A 230 34.91 0.26 23.18
N ARG A 231 33.73 0.32 22.53
CA ARG A 231 32.45 0.11 23.19
C ARG A 231 31.95 -1.34 23.12
N VAL A 232 32.68 -2.24 22.47
CA VAL A 232 32.15 -3.59 22.43
C VAL A 232 32.75 -4.37 23.60
N ARG A 233 32.20 -5.53 23.90
CA ARG A 233 32.75 -6.31 25.00
C ARG A 233 33.98 -7.09 24.56
N LYS A 234 34.83 -7.44 25.53
CA LYS A 234 36.09 -8.11 25.25
C LYS A 234 35.80 -9.29 24.34
N GLY A 235 36.62 -9.42 23.28
CA GLY A 235 36.50 -10.56 22.37
C GLY A 235 35.52 -10.34 21.20
N ALA A 236 34.72 -9.27 21.19
CA ALA A 236 33.66 -9.15 20.19
C ALA A 236 34.22 -8.67 18.84
N VAL A 237 33.45 -8.92 17.76
CA VAL A 237 33.75 -8.41 16.40
C VAL A 237 32.73 -7.33 16.06
N LEU A 238 33.21 -6.13 15.75
CA LEU A 238 32.40 -5.05 15.25
C LEU A 238 32.41 -5.10 13.72
N VAL A 239 31.21 -5.01 13.11
CA VAL A 239 31.01 -5.09 11.66
C VAL A 239 30.29 -3.83 11.18
N CYS A 240 30.83 -3.18 10.16
CA CYS A 240 30.17 -2.01 9.59
C CYS A 240 30.13 -2.11 8.06
N ALA A 241 28.94 -2.32 7.50
CA ALA A 241 28.72 -2.27 6.05
C ALA A 241 28.51 -0.82 5.62
N TRP A 242 28.95 -0.51 4.40
CA TRP A 242 28.95 0.85 3.92
C TRP A 242 28.40 0.86 2.50
N ALA A 243 27.20 0.29 2.33
CA ALA A 243 26.53 0.23 1.04
C ALA A 243 27.47 -0.27 -0.06
N GLU A 244 27.57 0.47 -1.18
CA GLU A 244 28.34 0.08 -2.37
C GLU A 244 29.83 -0.01 -2.10
N GLU A 245 30.30 0.52 -0.97
CA GLU A 245 31.72 0.44 -0.67
C GLU A 245 32.09 -0.87 0.03
N GLY A 246 31.12 -1.79 0.11
CA GLY A 246 31.45 -3.05 0.77
C GLY A 246 31.28 -2.97 2.29
N ALA A 247 32.12 -3.70 3.02
CA ALA A 247 31.92 -3.82 4.46
C ALA A 247 33.28 -4.07 5.07
N ASP A 248 33.42 -3.70 6.36
CA ASP A 248 34.64 -3.85 7.12
C ASP A 248 34.31 -4.49 8.45
N ALA A 249 35.32 -5.11 9.05
CA ALA A 249 35.12 -5.71 10.37
C ALA A 249 36.39 -5.50 11.19
N LEU A 250 36.23 -5.53 12.54
CA LEU A 250 37.36 -5.34 13.44
C LEU A 250 37.15 -6.21 14.67
N GLY A 251 38.07 -7.15 14.85
CA GLY A 251 38.02 -8.14 15.92
C GLY A 251 38.99 -7.77 17.05
N PRO A 252 39.11 -8.61 18.10
CA PRO A 252 40.07 -8.36 19.19
C PRO A 252 41.55 -8.19 18.78
N ASP A 253 41.98 -8.80 17.66
CA ASP A 253 43.38 -8.74 17.24
C ASP A 253 43.76 -7.36 16.69
N GLY A 254 42.80 -6.47 16.52
CA GLY A 254 43.13 -5.13 16.07
C GLY A 254 43.40 -5.04 14.56
N LYS A 255 43.27 -6.13 13.81
CA LYS A 255 43.44 -6.03 12.35
C LYS A 255 42.13 -5.66 11.62
N LEU A 256 42.15 -4.54 10.88
CA LEU A 256 41.02 -4.20 10.04
C LEU A 256 40.82 -5.24 8.94
N LEU A 257 39.58 -5.67 8.74
CA LEU A 257 39.25 -6.54 7.61
C LEU A 257 38.32 -5.80 6.67
N HIS A 258 38.45 -6.02 5.35
CA HIS A 258 37.59 -5.39 4.35
C HIS A 258 37.10 -6.41 3.31
N SER A 259 35.91 -6.16 2.74
CA SER A 259 35.43 -6.82 1.57
C SER A 259 34.90 -5.76 0.63
N ASP A 260 35.32 -5.84 -0.66
CA ASP A 260 34.61 -5.09 -1.68
C ASP A 260 33.17 -5.61 -1.77
N ALA A 261 32.26 -4.73 -2.23
CA ALA A 261 30.91 -5.06 -2.61
C ALA A 261 30.93 -5.97 -3.85
N PHE A 262 29.81 -6.63 -4.12
CA PHE A 262 29.61 -7.40 -5.35
C PHE A 262 28.42 -6.79 -6.12
N PRO A 263 28.53 -5.54 -6.60
CA PRO A 263 27.37 -4.88 -7.27
C PRO A 263 26.94 -5.63 -8.51
N PRO A 264 25.61 -5.84 -8.70
CA PRO A 264 25.12 -6.41 -9.94
C PRO A 264 25.25 -5.27 -10.97
N PRO A 265 25.38 -5.58 -12.26
CA PRO A 265 25.49 -4.56 -13.30
C PRO A 265 24.28 -3.62 -13.32
N ARG A 266 23.08 -4.10 -12.90
CA ARG A 266 21.93 -3.22 -12.64
C ARG A 266 21.33 -3.45 -11.24
N VAL A 267 21.51 -2.43 -10.41
CA VAL A 267 20.92 -2.38 -9.10
C VAL A 267 19.44 -1.96 -9.24
N VAL A 268 18.52 -2.86 -8.88
CA VAL A 268 17.07 -2.66 -9.08
C VAL A 268 16.27 -2.62 -7.77
N ASP A 269 16.82 -3.08 -6.63
CA ASP A 269 16.02 -3.22 -5.41
C ASP A 269 16.96 -3.43 -4.22
N THR A 270 17.24 -2.36 -3.47
CA THR A 270 18.06 -2.47 -2.28
C THR A 270 17.23 -2.64 -1.01
N LEU A 271 15.91 -2.83 -1.10
CA LEU A 271 15.12 -2.91 0.14
C LEU A 271 15.47 -4.26 0.81
N GLY A 272 16.00 -4.25 2.04
CA GLY A 272 16.40 -5.53 2.63
C GLY A 272 17.88 -5.91 2.35
N ALA A 273 18.65 -5.06 1.63
CA ALA A 273 20.08 -5.31 1.38
C ALA A 273 20.85 -5.47 2.69
N GLY A 274 20.74 -4.51 3.62
CA GLY A 274 21.33 -4.60 4.96
C GLY A 274 21.02 -5.92 5.68
N ASP A 275 19.73 -6.30 5.71
CA ASP A 275 19.29 -7.49 6.39
C ASP A 275 19.91 -8.74 5.75
N THR A 276 20.05 -8.75 4.41
CA THR A 276 20.59 -9.86 3.67
C THR A 276 22.07 -10.03 4.08
N PHE A 277 22.75 -8.89 4.17
CA PHE A 277 24.15 -8.85 4.52
C PHE A 277 24.28 -9.44 5.94
N ASN A 278 23.47 -8.94 6.88
CA ASN A 278 23.63 -9.40 8.26
C ASN A 278 23.30 -10.88 8.40
N ALA A 279 22.29 -11.38 7.70
CA ALA A 279 21.92 -12.78 7.83
C ALA A 279 23.02 -13.66 7.26
N SER A 280 23.58 -13.20 6.14
CA SER A 280 24.58 -13.97 5.43
C SER A 280 25.87 -14.02 6.25
N VAL A 281 26.18 -12.92 6.94
CA VAL A 281 27.34 -12.89 7.82
C VAL A 281 27.14 -13.87 8.99
N ILE A 282 25.96 -13.80 9.61
CA ILE A 282 25.60 -14.71 10.70
C ILE A 282 25.70 -16.14 10.18
N PHE A 283 25.15 -16.41 8.99
CA PHE A 283 25.09 -17.77 8.51
C PHE A 283 26.53 -18.32 8.40
N SER A 284 27.39 -17.48 7.83
CA SER A 284 28.73 -17.88 7.50
C SER A 284 29.51 -18.13 8.81
N LEU A 285 29.44 -17.19 9.78
CA LEU A 285 30.10 -17.40 11.07
C LEU A 285 29.55 -18.64 11.80
N SER A 286 28.22 -18.83 11.75
CA SER A 286 27.55 -19.95 12.38
C SER A 286 28.06 -21.24 11.74
N GLN A 287 28.61 -21.18 10.52
CA GLN A 287 29.11 -22.37 9.84
C GLN A 287 30.61 -22.59 10.10
N GLY A 288 31.21 -21.79 10.99
CA GLY A 288 32.63 -21.89 11.30
C GLY A 288 33.58 -21.18 10.32
N ARG A 289 33.05 -20.29 9.45
CA ARG A 289 33.96 -19.63 8.53
C ARG A 289 34.67 -18.53 9.29
N SER A 290 35.80 -18.07 8.76
CA SER A 290 36.48 -16.93 9.36
C SER A 290 35.67 -15.64 9.20
N VAL A 291 36.05 -14.60 9.97
CA VAL A 291 35.47 -13.28 9.83
C VAL A 291 35.67 -12.76 8.41
N GLN A 292 36.87 -12.86 7.86
CA GLN A 292 37.12 -12.37 6.51
C GLN A 292 36.17 -13.03 5.49
N GLU A 293 36.04 -14.35 5.57
CA GLU A 293 35.19 -15.06 4.65
C GLU A 293 33.73 -14.67 4.86
N ALA A 294 33.28 -14.52 6.10
CA ALA A 294 31.88 -14.20 6.35
C ALA A 294 31.53 -12.83 5.76
N LEU A 295 32.48 -11.90 5.86
CA LEU A 295 32.29 -10.53 5.42
C LEU A 295 32.17 -10.54 3.89
N ARG A 296 33.00 -11.33 3.20
CA ARG A 296 32.89 -11.45 1.75
C ARG A 296 31.55 -12.08 1.39
N PHE A 297 31.19 -13.16 2.12
CA PHE A 297 29.96 -13.87 1.79
C PHE A 297 28.76 -12.90 1.94
N GLY A 298 28.75 -12.16 3.04
CA GLY A 298 27.71 -11.16 3.30
C GLY A 298 27.58 -10.17 2.13
N CYS A 299 28.71 -9.63 1.68
CA CYS A 299 28.67 -8.68 0.55
C CYS A 299 28.22 -9.39 -0.72
N GLN A 300 28.62 -10.66 -0.90
CA GLN A 300 28.27 -11.38 -2.11
C GLN A 300 26.75 -11.53 -2.20
N VAL A 301 26.12 -12.01 -1.13
CA VAL A 301 24.68 -12.32 -1.16
C VAL A 301 23.90 -11.00 -1.23
N ALA A 302 24.34 -9.96 -0.52
CA ALA A 302 23.62 -8.69 -0.53
C ALA A 302 23.68 -8.08 -1.93
N GLY A 303 24.84 -8.23 -2.57
CA GLY A 303 25.03 -7.80 -3.95
C GLY A 303 24.13 -8.54 -4.91
N LYS A 304 24.05 -9.86 -4.74
CA LYS A 304 23.18 -10.63 -5.60
C LYS A 304 21.72 -10.14 -5.39
N LYS A 305 21.33 -9.89 -4.12
CA LYS A 305 19.97 -9.44 -3.80
C LYS A 305 19.63 -8.11 -4.49
N CYS A 306 20.60 -7.19 -4.55
CA CYS A 306 20.35 -5.86 -5.06
C CYS A 306 20.06 -5.88 -6.56
N GLY A 307 20.32 -7.03 -7.20
CA GLY A 307 20.03 -7.11 -8.62
C GLY A 307 18.70 -7.79 -8.90
N LEU A 308 17.90 -8.09 -7.84
CA LEU A 308 16.67 -8.85 -8.02
C LEU A 308 15.55 -8.11 -7.27
N GLN A 309 14.27 -8.28 -7.69
CA GLN A 309 13.16 -7.77 -6.88
C GLN A 309 12.88 -8.77 -5.75
N GLY A 310 12.94 -8.36 -4.48
CA GLY A 310 12.69 -9.32 -3.41
C GLY A 310 13.87 -10.28 -3.18
N PHE A 311 13.61 -11.50 -2.68
CA PHE A 311 14.62 -12.33 -2.06
C PHE A 311 14.80 -13.65 -2.79
N ASP A 312 13.82 -14.07 -3.60
CA ASP A 312 13.97 -15.33 -4.32
C ASP A 312 15.10 -15.25 -5.34
N GLY A 313 15.93 -16.28 -5.37
CA GLY A 313 16.91 -16.27 -6.45
C GLY A 313 18.29 -15.76 -6.01
N ILE A 314 18.46 -15.33 -4.74
CA ILE A 314 19.75 -14.95 -4.22
C ILE A 314 20.65 -16.19 -4.07
N VAL A 315 20.03 -17.38 -4.07
CA VAL A 315 20.77 -18.65 -4.12
C VAL A 315 20.01 -19.54 -5.10
N HIS B 11 -17.37 -21.56 -5.31
CA HIS B 11 -17.64 -20.28 -4.55
C HIS B 11 -18.82 -20.48 -3.60
N HIS B 12 -19.92 -19.70 -3.75
CA HIS B 12 -21.10 -19.80 -2.88
C HIS B 12 -22.41 -19.66 -3.66
N SER B 13 -23.22 -18.65 -3.29
CA SER B 13 -24.51 -18.25 -3.87
C SER B 13 -24.83 -16.79 -3.48
N SER B 14 -25.72 -16.11 -4.24
CA SER B 14 -26.23 -14.78 -3.86
C SER B 14 -27.76 -14.83 -3.70
N GLY B 15 -28.38 -13.70 -3.33
CA GLY B 15 -29.81 -13.75 -3.12
C GLY B 15 -30.56 -13.23 -4.36
N LEU B 16 -31.87 -13.40 -4.31
CA LEU B 16 -32.80 -12.92 -5.32
C LEU B 16 -32.75 -11.38 -5.25
N VAL B 17 -32.49 -10.73 -6.41
CA VAL B 17 -32.57 -9.29 -6.55
C VAL B 17 -33.86 -8.96 -7.30
N PRO B 18 -34.84 -8.20 -6.74
CA PRO B 18 -36.05 -7.90 -7.51
C PRO B 18 -35.69 -7.21 -8.84
N ARG B 19 -36.44 -7.56 -9.90
CA ARG B 19 -36.22 -7.02 -11.24
C ARG B 19 -36.30 -5.50 -11.18
N GLY B 20 -35.47 -4.80 -11.94
CA GLY B 20 -35.58 -3.35 -12.02
C GLY B 20 -35.33 -2.59 -10.72
N SER B 21 -34.48 -3.12 -9.82
CA SER B 21 -34.42 -2.54 -8.48
C SER B 21 -33.10 -1.82 -8.23
N GLN B 22 -32.02 -2.18 -8.94
CA GLN B 22 -30.69 -1.74 -8.49
C GLN B 22 -30.09 -0.70 -9.41
N ILE B 23 -29.18 0.10 -8.83
CA ILE B 23 -28.37 0.99 -9.64
C ILE B 23 -26.97 0.38 -9.70
N LEU B 24 -26.45 0.19 -10.91
CA LEU B 24 -25.15 -0.40 -11.18
C LEU B 24 -24.17 0.70 -11.51
N CYS B 25 -22.98 0.70 -10.87
CA CYS B 25 -21.88 1.55 -11.32
C CYS B 25 -20.76 0.63 -11.81
N VAL B 26 -20.26 0.93 -13.01
CA VAL B 26 -19.20 0.19 -13.66
C VAL B 26 -17.99 1.09 -13.63
N GLY B 27 -16.85 0.61 -13.15
CA GLY B 27 -15.64 1.44 -13.18
C GLY B 27 -14.54 0.87 -12.27
N LEU B 28 -13.72 1.74 -11.71
CA LEU B 28 -12.52 1.41 -10.97
C LEU B 28 -12.84 1.17 -9.49
N VAL B 29 -12.25 0.13 -8.90
CA VAL B 29 -12.09 0.14 -7.44
C VAL B 29 -10.60 0.02 -7.15
N VAL B 30 -10.10 0.72 -6.12
CA VAL B 30 -8.66 0.75 -5.88
C VAL B 30 -8.45 0.82 -4.37
N LEU B 31 -7.40 0.17 -3.88
CA LEU B 31 -6.93 0.33 -2.51
C LEU B 31 -6.02 1.55 -2.44
N ASP B 32 -6.45 2.57 -1.69
CA ASP B 32 -5.59 3.72 -1.50
C ASP B 32 -5.01 3.61 -0.12
N VAL B 33 -3.67 3.59 -0.04
CA VAL B 33 -2.92 3.62 1.22
C VAL B 33 -2.50 5.08 1.43
N ILE B 34 -3.03 5.71 2.48
CA ILE B 34 -2.87 7.15 2.57
C ILE B 34 -2.08 7.42 3.84
N SER B 35 -0.94 8.10 3.65
CA SER B 35 -0.01 8.36 4.74
C SER B 35 0.09 9.87 4.99
N LEU B 36 -0.04 10.27 6.25
CA LEU B 36 0.18 11.67 6.59
C LEU B 36 1.60 11.86 7.14
N VAL B 37 2.36 12.80 6.56
CA VAL B 37 3.77 12.93 6.93
C VAL B 37 4.13 14.34 7.39
N ASP B 38 5.11 14.39 8.31
CA ASP B 38 5.80 15.61 8.71
C ASP B 38 6.25 16.41 7.50
N LYS B 39 7.17 15.81 6.74
CA LYS B 39 7.79 16.45 5.61
C LYS B 39 7.81 15.43 4.47
N TYR B 40 7.70 15.92 3.22
CA TYR B 40 7.91 15.07 2.06
C TYR B 40 9.18 14.23 2.22
N PRO B 41 9.17 12.89 2.03
CA PRO B 41 10.37 12.09 2.27
C PRO B 41 11.36 12.27 1.12
N LYS B 42 12.64 12.36 1.47
CA LYS B 42 13.68 12.41 0.45
C LYS B 42 13.88 10.99 -0.08
N GLU B 43 14.02 10.86 -1.41
CA GLU B 43 14.32 9.58 -2.00
C GLU B 43 15.39 8.83 -1.20
N ASP B 44 15.11 7.56 -0.94
CA ASP B 44 16.03 6.70 -0.24
C ASP B 44 16.00 6.89 1.27
N SER B 45 15.12 7.74 1.82
CA SER B 45 14.93 7.84 3.27
C SER B 45 13.90 6.84 3.85
N GLU B 46 13.94 6.64 5.17
CA GLU B 46 12.97 5.85 5.89
C GLU B 46 12.37 6.77 6.95
N ILE B 47 11.10 7.16 6.78
CA ILE B 47 10.46 8.05 7.75
C ILE B 47 9.25 7.36 8.37
N ARG B 48 8.79 7.93 9.49
CA ARG B 48 7.62 7.44 10.18
C ARG B 48 6.47 8.41 9.92
N CYS B 49 5.29 7.89 9.50
CA CYS B 49 4.21 8.82 9.19
C CYS B 49 3.50 9.19 10.49
N LEU B 50 2.80 10.33 10.47
CA LEU B 50 1.90 10.76 11.52
C LEU B 50 0.69 9.82 11.65
N SER B 51 0.06 9.44 10.52
CA SER B 51 -0.97 8.39 10.46
C SER B 51 -1.04 7.77 9.05
N GLN B 52 -1.67 6.59 9.03
N GLN B 52 -1.65 6.56 8.94
CA GLN B 52 -1.89 5.84 7.81
CA GLN B 52 -1.73 5.78 7.71
C GLN B 52 -3.34 5.37 7.83
C GLN B 52 -3.09 5.07 7.67
N ARG B 53 -3.92 5.32 6.63
CA ARG B 53 -5.27 4.75 6.48
C ARG B 53 -5.30 3.95 5.18
N TRP B 54 -5.88 2.75 5.22
CA TRP B 54 -6.26 2.02 4.01
C TRP B 54 -7.71 2.35 3.66
N GLN B 55 -7.98 2.82 2.41
CA GLN B 55 -9.34 3.22 2.03
C GLN B 55 -9.68 2.61 0.68
N ARG B 56 -10.93 2.24 0.49
CA ARG B 56 -11.45 1.82 -0.79
C ARG B 56 -11.70 3.12 -1.57
N GLY B 57 -11.20 3.19 -2.80
CA GLY B 57 -11.33 4.40 -3.62
C GLY B 57 -11.71 4.01 -5.02
N GLY B 58 -11.71 5.00 -5.95
CA GLY B 58 -12.18 4.75 -7.32
C GLY B 58 -13.53 5.47 -7.52
N ASN B 59 -13.76 6.07 -8.71
CA ASN B 59 -14.96 6.87 -8.92
C ASN B 59 -16.21 6.03 -8.80
N ALA B 60 -16.33 4.96 -9.60
CA ALA B 60 -17.52 4.10 -9.53
C ALA B 60 -17.73 3.56 -8.11
N SER B 61 -16.60 3.19 -7.47
CA SER B 61 -16.61 2.56 -6.16
C SER B 61 -17.14 3.57 -5.12
N ASN B 62 -16.66 4.80 -5.13
CA ASN B 62 -17.13 5.82 -4.23
C ASN B 62 -18.64 6.08 -4.46
N SER B 63 -19.07 6.14 -5.72
CA SER B 63 -20.49 6.41 -6.00
C SER B 63 -21.37 5.30 -5.45
N CYS B 64 -20.90 4.03 -5.58
CA CYS B 64 -21.73 2.99 -4.99
C CYS B 64 -21.86 3.18 -3.46
N THR B 65 -20.80 3.63 -2.77
CA THR B 65 -20.96 3.86 -1.33
C THR B 65 -22.06 4.91 -1.06
N VAL B 66 -22.01 6.02 -1.77
CA VAL B 66 -23.02 7.08 -1.61
C VAL B 66 -24.43 6.58 -1.95
N LEU B 67 -24.59 5.84 -3.07
CA LEU B 67 -25.89 5.27 -3.39
C LEU B 67 -26.44 4.46 -2.25
N SER B 68 -25.59 3.60 -1.68
CA SER B 68 -26.11 2.80 -0.55
C SER B 68 -26.56 3.66 0.63
N LEU B 69 -25.73 4.62 0.99
CA LEU B 69 -26.11 5.48 2.13
C LEU B 69 -27.31 6.37 1.81
N LEU B 70 -27.57 6.63 0.51
CA LEU B 70 -28.80 7.35 0.19
C LEU B 70 -30.03 6.45 0.31
N GLY B 71 -29.82 5.13 0.41
CA GLY B 71 -30.96 4.24 0.48
C GLY B 71 -31.27 3.48 -0.82
N ALA B 72 -30.37 3.49 -1.80
CA ALA B 72 -30.65 2.72 -3.02
C ALA B 72 -29.95 1.35 -2.99
N PRO B 73 -30.62 0.27 -3.45
CA PRO B 73 -29.92 -0.99 -3.76
C PRO B 73 -28.92 -0.70 -4.84
N CYS B 74 -27.66 -1.03 -4.58
N CYS B 74 -27.71 -1.20 -4.62
CA CYS B 74 -26.67 -0.68 -5.57
CA CYS B 74 -26.57 -0.70 -5.36
C CYS B 74 -25.66 -1.82 -5.70
C CYS B 74 -25.58 -1.84 -5.65
N ALA B 75 -25.04 -1.84 -6.88
CA ALA B 75 -24.16 -2.94 -7.30
C ALA B 75 -22.95 -2.34 -7.99
N PHE B 76 -21.80 -2.97 -7.79
CA PHE B 76 -20.57 -2.51 -8.41
C PHE B 76 -20.13 -3.58 -9.40
N MET B 77 -19.71 -3.11 -10.57
CA MET B 77 -19.07 -3.96 -11.56
C MET B 77 -17.72 -3.38 -11.91
N GLY B 78 -16.68 -4.16 -11.70
CA GLY B 78 -15.34 -3.71 -12.05
C GLY B 78 -14.42 -4.93 -11.83
N SER B 79 -13.13 -4.80 -12.15
CA SER B 79 -12.22 -5.96 -12.07
C SER B 79 -11.50 -6.01 -10.76
N MET B 80 -11.29 -7.23 -10.24
CA MET B 80 -10.39 -7.47 -9.12
C MET B 80 -9.61 -8.79 -9.37
N ALA B 81 -8.47 -8.97 -8.73
CA ALA B 81 -7.83 -10.29 -8.73
C ALA B 81 -7.93 -10.88 -7.33
N PRO B 82 -8.08 -12.22 -7.20
CA PRO B 82 -8.04 -12.89 -5.89
C PRO B 82 -6.82 -12.48 -5.10
N GLY B 83 -6.99 -12.29 -3.80
CA GLY B 83 -5.85 -11.88 -3.00
C GLY B 83 -6.30 -11.01 -1.85
N HIS B 84 -5.33 -10.59 -1.02
CA HIS B 84 -5.67 -9.90 0.20
C HIS B 84 -6.16 -8.47 -0.06
N VAL B 85 -5.68 -7.83 -1.13
CA VAL B 85 -6.14 -6.50 -1.54
C VAL B 85 -7.65 -6.57 -1.84
N ALA B 86 -8.05 -7.49 -2.71
CA ALA B 86 -9.46 -7.66 -3.05
C ALA B 86 -10.30 -8.04 -1.83
N ASP B 87 -9.77 -8.89 -0.93
CA ASP B 87 -10.55 -9.29 0.22
C ASP B 87 -10.85 -8.03 1.04
N PHE B 88 -9.87 -7.15 1.20
CA PHE B 88 -10.03 -5.90 1.95
C PHE B 88 -11.13 -5.07 1.24
N LEU B 89 -11.08 -4.99 -0.11
CA LEU B 89 -11.96 -4.09 -0.86
C LEU B 89 -13.37 -4.66 -0.82
N VAL B 90 -13.48 -6.00 -0.95
CA VAL B 90 -14.77 -6.68 -0.90
C VAL B 90 -15.40 -6.46 0.46
N ALA B 91 -14.61 -6.63 1.52
CA ALA B 91 -15.20 -6.42 2.84
C ALA B 91 -15.68 -4.97 2.99
N ASP B 92 -14.90 -4.01 2.44
CA ASP B 92 -15.23 -2.62 2.59
C ASP B 92 -16.50 -2.29 1.77
N PHE B 93 -16.61 -2.83 0.56
CA PHE B 93 -17.88 -2.77 -0.18
C PHE B 93 -19.04 -3.28 0.65
N ARG B 94 -18.91 -4.48 1.27
N ARG B 94 -18.89 -4.45 1.29
CA ARG B 94 -20.03 -5.05 2.00
CA ARG B 94 -20.00 -5.06 2.00
C ARG B 94 -20.32 -4.22 3.26
C ARG B 94 -20.31 -4.25 3.27
N ARG B 95 -19.28 -3.65 3.88
CA ARG B 95 -19.49 -2.77 5.03
C ARG B 95 -20.38 -1.57 4.65
N ARG B 96 -20.33 -1.15 3.37
CA ARG B 96 -21.16 -0.06 2.86
C ARG B 96 -22.38 -0.58 2.07
N GLY B 97 -22.68 -1.87 2.23
CA GLY B 97 -23.93 -2.45 1.78
C GLY B 97 -24.02 -2.64 0.25
N VAL B 98 -22.87 -2.66 -0.42
CA VAL B 98 -22.82 -2.70 -1.87
C VAL B 98 -22.78 -4.17 -2.34
N ASP B 99 -23.57 -4.50 -3.34
CA ASP B 99 -23.59 -5.82 -3.95
C ASP B 99 -22.36 -5.97 -4.85
N VAL B 100 -21.58 -7.04 -4.63
CA VAL B 100 -20.34 -7.21 -5.40
C VAL B 100 -20.45 -8.47 -6.30
N SER B 101 -21.66 -8.98 -6.50
CA SER B 101 -21.83 -10.21 -7.26
C SER B 101 -21.36 -10.05 -8.71
N GLN B 102 -21.25 -8.82 -9.24
CA GLN B 102 -20.93 -8.65 -10.65
C GLN B 102 -19.46 -8.31 -10.83
N VAL B 103 -18.66 -8.40 -9.77
CA VAL B 103 -17.23 -8.17 -9.92
C VAL B 103 -16.69 -9.16 -10.96
N ALA B 104 -15.80 -8.67 -11.82
CA ALA B 104 -15.19 -9.51 -12.84
C ALA B 104 -13.82 -9.97 -12.32
N TRP B 105 -13.76 -11.21 -11.84
CA TRP B 105 -12.54 -11.70 -11.25
C TRP B 105 -11.57 -12.11 -12.37
N GLN B 106 -10.30 -11.71 -12.22
CA GLN B 106 -9.26 -11.84 -13.22
C GLN B 106 -8.20 -12.83 -12.74
N SER B 107 -7.61 -13.55 -13.69
CA SER B 107 -6.59 -14.51 -13.31
C SER B 107 -5.19 -13.95 -13.59
N LYS B 108 -5.10 -12.80 -14.28
CA LYS B 108 -3.83 -12.11 -14.49
C LYS B 108 -3.91 -10.67 -13.92
N GLY B 109 -2.84 -10.20 -13.27
CA GLY B 109 -2.73 -8.80 -12.86
C GLY B 109 -2.94 -8.61 -11.36
N ASP B 110 -2.76 -7.38 -10.87
CA ASP B 110 -2.90 -7.11 -9.44
C ASP B 110 -4.12 -6.19 -9.24
N THR B 111 -4.91 -6.47 -8.20
CA THR B 111 -5.95 -5.52 -7.84
C THR B 111 -5.27 -4.16 -7.63
N PRO B 112 -5.75 -3.08 -8.26
CA PRO B 112 -5.11 -1.77 -8.14
C PRO B 112 -4.90 -1.29 -6.70
N SER B 113 -3.71 -0.74 -6.44
CA SER B 113 -3.41 -0.24 -5.12
C SER B 113 -2.55 0.99 -5.31
N SER B 114 -2.89 2.12 -4.68
CA SER B 114 -2.14 3.35 -4.86
C SER B 114 -1.56 3.77 -3.52
N CYS B 115 -0.48 4.53 -3.56
CA CYS B 115 0.14 5.07 -2.36
C CYS B 115 0.00 6.59 -2.44
N CYS B 116 -0.64 7.19 -1.43
N CYS B 116 -0.66 7.18 -1.44
CA CYS B 116 -0.93 8.61 -1.43
CA CYS B 116 -0.85 8.61 -1.40
C CYS B 116 -0.26 9.23 -0.19
C CYS B 116 -0.16 9.16 -0.16
N ILE B 117 0.69 10.15 -0.41
CA ILE B 117 1.50 10.76 0.65
C ILE B 117 1.02 12.20 0.85
N ILE B 118 0.53 12.49 2.06
CA ILE B 118 -0.05 13.81 2.31
C ILE B 118 0.86 14.57 3.27
N ASN B 119 1.34 15.73 2.80
CA ASN B 119 2.22 16.59 3.59
C ASN B 119 1.39 17.30 4.66
N ASN B 120 1.80 17.14 5.92
CA ASN B 120 1.02 17.75 6.97
C ASN B 120 1.27 19.26 7.02
N SER B 121 2.44 19.70 6.54
CA SER B 121 2.77 21.12 6.38
C SER B 121 1.72 21.81 5.51
N ASN B 122 1.78 21.54 4.19
CA ASN B 122 1.10 22.32 3.18
C ASN B 122 -0.08 21.57 2.56
N GLY B 123 -0.46 20.40 3.10
CA GLY B 123 -1.60 19.64 2.61
C GLY B 123 -1.43 19.08 1.19
N ASN B 124 -0.24 19.24 0.59
CA ASN B 124 0.08 18.72 -0.73
C ASN B 124 0.02 17.18 -0.72
N ARG B 125 -0.43 16.60 -1.85
CA ARG B 125 -0.62 15.17 -2.04
C ARG B 125 0.33 14.69 -3.12
N THR B 126 1.13 13.68 -2.78
CA THR B 126 2.02 13.08 -3.76
C THR B 126 1.55 11.64 -4.00
N ILE B 127 1.39 11.24 -5.26
CA ILE B 127 0.67 10.00 -5.49
C ILE B 127 1.46 9.03 -6.36
N VAL B 128 1.65 7.80 -5.86
CA VAL B 128 2.10 6.74 -6.74
C VAL B 128 0.89 5.90 -7.12
N LEU B 129 0.46 6.04 -8.38
CA LEU B 129 -0.78 5.47 -8.84
C LEU B 129 -0.61 4.00 -9.16
N HIS B 130 -1.73 3.27 -9.06
CA HIS B 130 -1.74 1.83 -9.25
C HIS B 130 -1.21 1.51 -10.64
N ASP B 131 -0.73 0.28 -10.84
CA ASP B 131 -0.26 -0.14 -12.15
C ASP B 131 -1.44 -0.46 -13.05
N THR B 132 -1.15 -0.84 -14.29
CA THR B 132 -2.28 -1.13 -15.16
C THR B 132 -2.27 -2.60 -15.56
N SER B 133 -1.82 -3.47 -14.64
CA SER B 133 -1.72 -4.89 -14.96
C SER B 133 -3.08 -5.57 -15.01
N LEU B 134 -4.10 -5.04 -14.33
CA LEU B 134 -5.37 -5.75 -14.31
C LEU B 134 -6.20 -5.41 -15.55
N PRO B 135 -6.73 -6.38 -16.34
CA PRO B 135 -7.57 -6.01 -17.48
C PRO B 135 -8.88 -5.41 -16.96
N ASP B 136 -9.42 -4.44 -17.70
CA ASP B 136 -10.69 -3.79 -17.47
C ASP B 136 -11.82 -4.74 -17.86
N VAL B 137 -13.04 -4.50 -17.36
CA VAL B 137 -14.16 -5.34 -17.76
C VAL B 137 -14.29 -5.15 -19.26
N SER B 138 -14.47 -6.23 -20.02
CA SER B 138 -14.61 -6.11 -21.48
C SER B 138 -16.09 -6.16 -21.89
N ALA B 139 -16.38 -5.83 -23.16
CA ALA B 139 -17.74 -5.97 -23.68
C ALA B 139 -18.18 -7.44 -23.59
N THR B 140 -17.25 -8.39 -23.78
CA THR B 140 -17.69 -9.79 -23.76
C THR B 140 -17.99 -10.21 -22.33
N ASP B 141 -17.26 -9.68 -21.36
CA ASP B 141 -17.67 -9.92 -19.99
C ASP B 141 -19.05 -9.31 -19.74
N PHE B 142 -19.34 -8.14 -20.34
CA PHE B 142 -20.60 -7.45 -20.05
C PHE B 142 -21.76 -8.22 -20.66
N GLU B 143 -21.54 -8.86 -21.83
CA GLU B 143 -22.64 -9.54 -22.53
C GLU B 143 -23.23 -10.63 -21.65
N LYS B 144 -22.48 -11.12 -20.67
CA LYS B 144 -22.92 -12.30 -19.93
C LYS B 144 -23.73 -11.87 -18.73
N VAL B 145 -24.02 -10.57 -18.59
CA VAL B 145 -24.72 -10.12 -17.39
C VAL B 145 -26.19 -9.97 -17.75
N ASP B 146 -27.08 -10.60 -16.95
CA ASP B 146 -28.51 -10.41 -17.07
C ASP B 146 -28.79 -8.98 -16.63
N LEU B 147 -29.39 -8.12 -17.48
CA LEU B 147 -29.56 -6.71 -17.13
C LEU B 147 -30.83 -6.41 -16.34
N THR B 148 -31.76 -7.37 -16.23
CA THR B 148 -33.11 -7.03 -15.79
C THR B 148 -33.18 -6.57 -14.32
N GLN B 149 -32.22 -6.95 -13.50
CA GLN B 149 -32.30 -6.49 -12.11
C GLN B 149 -31.93 -4.98 -11.98
N PHE B 150 -31.40 -4.32 -13.03
CA PHE B 150 -30.91 -2.94 -12.90
C PHE B 150 -31.95 -1.93 -13.46
N LYS B 151 -32.21 -0.83 -12.73
CA LYS B 151 -33.04 0.25 -13.29
C LYS B 151 -32.16 1.40 -13.78
N TRP B 152 -30.87 1.42 -13.40
CA TRP B 152 -30.01 2.49 -13.91
C TRP B 152 -28.63 1.89 -14.00
N ILE B 153 -27.90 2.18 -15.07
CA ILE B 153 -26.51 1.75 -15.16
C ILE B 153 -25.66 2.97 -15.43
N HIS B 154 -24.63 3.19 -14.57
CA HIS B 154 -23.74 4.33 -14.64
C HIS B 154 -22.37 3.80 -15.02
N ILE B 155 -21.79 4.36 -16.10
CA ILE B 155 -20.47 3.93 -16.52
C ILE B 155 -19.43 5.03 -16.35
N GLU B 156 -18.40 4.70 -15.56
CA GLU B 156 -17.22 5.56 -15.45
C GLU B 156 -16.32 5.34 -16.67
N GLY B 157 -16.12 6.40 -17.48
CA GLY B 157 -15.36 6.23 -18.72
C GLY B 157 -13.93 5.82 -18.44
N ARG B 158 -13.57 4.62 -18.94
CA ARG B 158 -12.21 4.13 -18.76
C ARG B 158 -11.73 3.51 -20.07
N ASN B 159 -12.10 2.24 -20.34
CA ASN B 159 -11.73 1.56 -21.60
C ASN B 159 -12.85 1.77 -22.63
N ALA B 160 -12.85 2.95 -23.27
CA ALA B 160 -14.03 3.47 -23.94
C ALA B 160 -14.54 2.63 -25.12
N SER B 161 -13.65 2.11 -25.97
CA SER B 161 -14.16 1.32 -27.11
C SER B 161 -14.90 0.06 -26.64
N GLU B 162 -14.40 -0.61 -25.62
CA GLU B 162 -15.18 -1.68 -25.00
C GLU B 162 -16.47 -1.12 -24.38
N GLN B 163 -16.42 0.02 -23.65
CA GLN B 163 -17.62 0.51 -22.96
C GLN B 163 -18.68 0.94 -23.94
N VAL B 164 -18.25 1.43 -25.13
CA VAL B 164 -19.23 1.77 -26.16
C VAL B 164 -20.08 0.56 -26.53
N LYS B 165 -19.45 -0.62 -26.59
CA LYS B 165 -20.26 -1.78 -26.93
C LYS B 165 -21.22 -2.14 -25.80
N MET B 166 -20.82 -1.88 -24.52
CA MET B 166 -21.73 -2.23 -23.44
C MET B 166 -22.95 -1.36 -23.56
N LEU B 167 -22.68 -0.07 -23.82
CA LEU B 167 -23.75 0.93 -23.99
C LEU B 167 -24.66 0.56 -25.16
N GLN B 168 -24.08 0.09 -26.27
CA GLN B 168 -24.96 -0.37 -27.37
C GLN B 168 -25.76 -1.62 -26.96
N ARG B 169 -25.15 -2.48 -26.12
CA ARG B 169 -25.93 -3.60 -25.60
C ARG B 169 -27.12 -3.09 -24.79
N ILE B 170 -26.90 -2.05 -23.95
CA ILE B 170 -28.02 -1.58 -23.12
C ILE B 170 -29.10 -0.99 -24.04
N ASP B 171 -28.66 -0.22 -25.01
CA ASP B 171 -29.65 0.37 -25.94
C ASP B 171 -30.47 -0.75 -26.63
N ALA B 172 -29.77 -1.79 -27.08
CA ALA B 172 -30.46 -2.92 -27.70
C ALA B 172 -31.45 -3.51 -26.72
N HIS B 173 -31.06 -3.71 -25.44
CA HIS B 173 -32.05 -4.15 -24.45
C HIS B 173 -33.26 -3.22 -24.39
N ASN B 174 -33.01 -1.91 -24.29
CA ASN B 174 -34.12 -1.00 -24.02
C ASN B 174 -35.11 -0.92 -25.20
N THR B 175 -34.62 -1.12 -26.43
CA THR B 175 -35.57 -1.03 -27.55
C THR B 175 -36.71 -2.05 -27.42
N ARG B 176 -36.45 -3.20 -26.78
CA ARG B 176 -37.51 -4.17 -26.60
C ARG B 176 -38.34 -3.86 -25.38
N GLN B 177 -37.96 -2.86 -24.57
CA GLN B 177 -38.71 -2.80 -23.33
C GLN B 177 -39.84 -1.80 -23.41
N PRO B 178 -40.96 -2.09 -22.74
CA PRO B 178 -41.96 -1.06 -22.44
C PRO B 178 -41.31 0.08 -21.65
N PRO B 179 -41.81 1.35 -21.75
CA PRO B 179 -41.09 2.50 -21.20
C PRO B 179 -40.76 2.44 -19.70
N GLU B 180 -41.48 1.61 -18.94
CA GLU B 180 -41.23 1.57 -17.51
C GLU B 180 -40.21 0.49 -17.15
N GLN B 181 -39.69 -0.22 -18.15
CA GLN B 181 -38.68 -1.23 -17.90
C GLN B 181 -37.45 -0.89 -18.74
N LYS B 182 -37.43 0.36 -19.22
CA LYS B 182 -36.23 0.88 -19.86
C LYS B 182 -35.18 1.17 -18.79
N ILE B 183 -33.95 0.74 -19.02
CA ILE B 183 -32.89 1.01 -18.05
C ILE B 183 -32.31 2.39 -18.36
N ARG B 184 -32.29 3.29 -17.36
CA ARG B 184 -31.63 4.59 -17.59
C ARG B 184 -30.12 4.45 -17.51
N VAL B 185 -29.42 5.28 -18.28
CA VAL B 185 -27.98 5.14 -18.43
C VAL B 185 -27.32 6.50 -18.15
N SER B 186 -26.20 6.48 -17.42
CA SER B 186 -25.34 7.66 -17.36
C SER B 186 -23.92 7.25 -17.61
N VAL B 187 -23.08 8.23 -17.95
CA VAL B 187 -21.68 8.02 -18.20
C VAL B 187 -20.96 9.21 -17.59
N GLU B 188 -19.70 8.97 -17.19
CA GLU B 188 -18.89 10.06 -16.65
C GLU B 188 -17.65 10.10 -17.49
N VAL B 189 -17.28 11.31 -17.94
CA VAL B 189 -15.98 11.49 -18.57
C VAL B 189 -15.19 12.41 -17.67
N GLU B 190 -14.24 11.83 -16.92
CA GLU B 190 -13.68 12.56 -15.79
C GLU B 190 -12.20 12.81 -16.05
N LYS B 191 -11.60 11.99 -16.90
CA LYS B 191 -10.18 12.14 -17.18
C LYS B 191 -10.04 12.83 -18.53
N PRO B 192 -9.11 13.80 -18.69
CA PRO B 192 -9.00 14.47 -19.98
C PRO B 192 -8.22 13.59 -20.95
N ARG B 193 -8.80 12.47 -21.39
CA ARG B 193 -8.15 11.56 -22.32
C ARG B 193 -9.03 11.47 -23.55
N GLU B 194 -8.40 11.60 -24.71
CA GLU B 194 -9.09 11.74 -25.97
C GLU B 194 -9.99 10.53 -26.26
N GLU B 195 -9.53 9.32 -25.94
CA GLU B 195 -10.34 8.15 -26.22
C GLU B 195 -11.71 8.20 -25.52
N LEU B 196 -11.83 8.94 -24.40
CA LEU B 196 -13.08 8.98 -23.63
C LEU B 196 -14.16 9.80 -24.32
N PHE B 197 -13.77 10.71 -25.24
CA PHE B 197 -14.71 11.70 -25.74
C PHE B 197 -15.84 11.07 -26.55
N GLN B 198 -15.64 9.89 -27.12
CA GLN B 198 -16.73 9.29 -27.87
C GLN B 198 -17.86 8.88 -26.91
N LEU B 199 -17.59 8.77 -25.61
CA LEU B 199 -18.69 8.41 -24.68
C LEU B 199 -19.71 9.52 -24.53
N PHE B 200 -19.38 10.77 -24.89
CA PHE B 200 -20.37 11.85 -24.77
C PHE B 200 -21.62 11.49 -25.53
N GLY B 201 -21.42 10.67 -26.57
CA GLY B 201 -22.51 10.36 -27.48
C GLY B 201 -23.45 9.28 -26.94
N TYR B 202 -23.20 8.77 -25.71
CA TYR B 202 -24.08 7.75 -25.13
C TYR B 202 -24.62 8.23 -23.78
N GLY B 203 -25.72 7.60 -23.33
CA GLY B 203 -26.34 7.80 -22.04
C GLY B 203 -27.42 8.88 -22.09
N ASP B 204 -28.37 8.77 -21.16
CA ASP B 204 -29.40 9.75 -20.91
C ASP B 204 -28.78 10.94 -20.14
N VAL B 205 -27.75 10.66 -19.30
CA VAL B 205 -27.10 11.72 -18.50
C VAL B 205 -25.62 11.53 -18.74
N VAL B 206 -24.96 12.63 -19.07
CA VAL B 206 -23.53 12.59 -19.22
C VAL B 206 -22.91 13.60 -18.24
N PHE B 207 -22.01 13.15 -17.38
CA PHE B 207 -21.25 14.00 -16.46
C PHE B 207 -19.91 14.30 -17.07
N VAL B 208 -19.55 15.58 -17.15
CA VAL B 208 -18.21 15.89 -17.61
C VAL B 208 -17.52 16.70 -16.51
N SER B 209 -16.25 16.39 -16.23
CA SER B 209 -15.57 17.01 -15.09
C SER B 209 -15.05 18.41 -15.47
N LYS B 210 -14.88 19.23 -14.46
CA LYS B 210 -14.23 20.54 -14.58
C LYS B 210 -12.84 20.38 -15.18
N ASP B 211 -12.13 19.34 -14.74
CA ASP B 211 -10.80 19.06 -15.28
C ASP B 211 -10.81 18.80 -16.79
N VAL B 212 -11.81 18.05 -17.29
CA VAL B 212 -11.86 17.78 -18.72
C VAL B 212 -12.22 19.09 -19.45
N ALA B 213 -13.20 19.82 -18.90
CA ALA B 213 -13.69 21.06 -19.50
C ALA B 213 -12.52 22.05 -19.64
N LYS B 214 -11.73 22.18 -18.58
CA LYS B 214 -10.57 23.07 -18.62
C LYS B 214 -9.56 22.62 -19.68
N HIS B 215 -9.25 21.32 -19.71
N HIS B 215 -9.23 21.31 -19.72
CA HIS B 215 -8.31 20.80 -20.70
CA HIS B 215 -8.30 20.79 -20.73
C HIS B 215 -8.83 21.05 -22.12
C HIS B 215 -8.82 21.06 -22.13
N LEU B 216 -10.15 21.20 -22.27
CA LEU B 216 -10.70 21.51 -23.59
C LEU B 216 -10.78 23.02 -23.83
N GLY B 217 -10.31 23.85 -22.88
CA GLY B 217 -10.26 25.30 -23.05
C GLY B 217 -11.48 26.05 -22.53
N PHE B 218 -12.40 25.38 -21.81
CA PHE B 218 -13.57 26.09 -21.29
C PHE B 218 -13.23 26.63 -19.92
N GLN B 219 -13.73 27.82 -19.60
CA GLN B 219 -13.31 28.53 -18.41
C GLN B 219 -14.41 28.49 -17.36
N SER B 220 -15.57 27.93 -17.68
CA SER B 220 -16.66 27.90 -16.71
C SER B 220 -17.56 26.73 -17.09
N ALA B 221 -18.47 26.35 -16.18
CA ALA B 221 -19.41 25.28 -16.48
C ALA B 221 -20.34 25.67 -17.62
N GLU B 222 -20.75 26.96 -17.66
CA GLU B 222 -21.61 27.47 -18.71
C GLU B 222 -20.95 27.28 -20.10
N GLU B 223 -19.69 27.73 -20.24
CA GLU B 223 -18.90 27.56 -21.45
C GLU B 223 -18.82 26.06 -21.82
N ALA B 224 -18.54 25.20 -20.82
CA ALA B 224 -18.38 23.77 -21.09
C ALA B 224 -19.69 23.18 -21.62
N LEU B 225 -20.83 23.42 -20.95
CA LEU B 225 -22.06 22.81 -21.43
C LEU B 225 -22.43 23.32 -22.82
N ARG B 226 -22.34 24.63 -23.03
CA ARG B 226 -22.75 25.20 -24.31
C ARG B 226 -21.81 24.67 -25.39
N GLY B 227 -20.54 24.51 -25.03
CA GLY B 227 -19.58 24.11 -26.04
C GLY B 227 -19.58 22.60 -26.31
N LEU B 228 -20.07 21.75 -25.39
CA LEU B 228 -20.00 20.29 -25.62
C LEU B 228 -21.35 19.66 -25.89
N TYR B 229 -22.46 20.40 -25.70
CA TYR B 229 -23.79 19.82 -25.79
C TYR B 229 -24.00 19.16 -27.16
N GLY B 230 -23.38 19.76 -28.18
CA GLY B 230 -23.42 19.23 -29.53
C GLY B 230 -22.92 17.79 -29.60
N ARG B 231 -22.17 17.30 -28.61
CA ARG B 231 -21.62 15.93 -28.69
C ARG B 231 -22.52 14.87 -28.09
N VAL B 232 -23.62 15.24 -27.42
CA VAL B 232 -24.41 14.25 -26.68
C VAL B 232 -25.48 13.71 -27.62
N ARG B 233 -26.13 12.61 -27.25
CA ARG B 233 -27.18 12.02 -28.06
C ARG B 233 -28.47 12.80 -27.83
N LYS B 234 -29.36 12.73 -28.83
CA LYS B 234 -30.54 13.55 -28.81
C LYS B 234 -31.31 13.20 -27.56
N GLY B 235 -31.86 14.22 -26.86
CA GLY B 235 -32.61 13.97 -25.64
C GLY B 235 -31.75 13.95 -24.35
N ALA B 236 -30.42 13.84 -24.44
CA ALA B 236 -29.57 13.69 -23.25
C ALA B 236 -29.38 14.98 -22.42
N VAL B 237 -29.13 14.84 -21.11
CA VAL B 237 -28.74 15.96 -20.25
C VAL B 237 -27.24 15.90 -20.01
N LEU B 238 -26.54 17.01 -20.24
CA LEU B 238 -25.12 17.14 -19.96
C LEU B 238 -24.94 17.94 -18.64
N VAL B 239 -24.07 17.43 -17.73
CA VAL B 239 -23.95 17.90 -16.36
C VAL B 239 -22.48 18.23 -16.09
N CYS B 240 -22.21 19.41 -15.47
CA CYS B 240 -20.84 19.73 -15.19
C CYS B 240 -20.80 20.45 -13.85
N ALA B 241 -20.22 19.78 -12.83
CA ALA B 241 -20.01 20.39 -11.51
C ALA B 241 -18.74 21.20 -11.56
N TRP B 242 -18.66 22.28 -10.79
CA TRP B 242 -17.48 23.12 -10.89
C TRP B 242 -17.04 23.48 -9.46
N ALA B 243 -16.77 22.45 -8.62
CA ALA B 243 -16.29 22.63 -7.26
C ALA B 243 -17.17 23.63 -6.53
N GLU B 244 -16.50 24.62 -5.88
CA GLU B 244 -17.19 25.61 -5.06
C GLU B 244 -18.14 26.48 -5.87
N GLU B 245 -18.09 26.47 -7.20
CA GLU B 245 -19.05 27.26 -7.97
C GLU B 245 -20.37 26.50 -8.23
N GLY B 246 -20.54 25.31 -7.63
CA GLY B 246 -21.79 24.57 -7.78
C GLY B 246 -21.79 23.71 -9.06
N ALA B 247 -22.93 23.59 -9.70
CA ALA B 247 -22.99 22.79 -10.92
C ALA B 247 -24.08 23.30 -11.86
N ASP B 248 -23.90 23.00 -13.15
CA ASP B 248 -24.87 23.32 -14.18
C ASP B 248 -25.37 22.03 -14.85
N ALA B 249 -26.56 22.10 -15.46
CA ALA B 249 -26.99 21.02 -16.36
C ALA B 249 -27.64 21.64 -17.61
N LEU B 250 -27.63 20.92 -18.73
CA LEU B 250 -28.23 21.47 -19.94
C LEU B 250 -28.86 20.30 -20.69
N GLY B 251 -30.16 20.42 -20.92
CA GLY B 251 -30.87 19.36 -21.60
C GLY B 251 -31.39 19.80 -22.99
N PRO B 252 -32.23 18.96 -23.63
CA PRO B 252 -32.73 19.25 -24.98
C PRO B 252 -33.49 20.57 -25.17
N ASP B 253 -34.17 21.07 -24.14
CA ASP B 253 -34.86 22.35 -24.17
C ASP B 253 -33.89 23.53 -24.23
N GLY B 254 -32.57 23.33 -24.16
CA GLY B 254 -31.64 24.45 -24.38
C GLY B 254 -31.46 25.40 -23.19
N LYS B 255 -32.19 25.13 -22.10
CA LYS B 255 -32.15 25.96 -20.92
C LYS B 255 -31.00 25.56 -19.95
N LEU B 256 -30.09 26.49 -19.69
CA LEU B 256 -28.95 26.18 -18.83
C LEU B 256 -29.40 26.26 -17.38
N LEU B 257 -29.32 25.13 -16.63
CA LEU B 257 -29.77 25.10 -15.25
C LEU B 257 -28.55 25.16 -14.34
N HIS B 258 -28.74 25.80 -13.17
CA HIS B 258 -27.63 25.96 -12.27
C HIS B 258 -28.09 25.71 -10.83
N SER B 259 -27.20 25.17 -9.99
CA SER B 259 -27.39 25.28 -8.55
C SER B 259 -26.11 25.83 -7.95
N ASP B 260 -26.19 26.74 -6.95
CA ASP B 260 -24.95 27.14 -6.25
C ASP B 260 -24.47 25.94 -5.40
N ALA B 261 -23.20 25.94 -4.96
CA ALA B 261 -22.69 25.05 -3.93
C ALA B 261 -23.30 25.33 -2.55
N PHE B 262 -23.18 24.35 -1.66
CA PHE B 262 -23.63 24.44 -0.28
C PHE B 262 -22.46 24.20 0.67
N PRO B 263 -21.49 25.13 0.75
CA PRO B 263 -20.24 24.87 1.44
C PRO B 263 -20.53 24.63 2.91
N PRO B 264 -19.80 23.69 3.53
CA PRO B 264 -20.07 23.38 4.93
C PRO B 264 -19.36 24.45 5.79
N PRO B 265 -19.68 24.49 7.11
CA PRO B 265 -19.04 25.44 8.02
C PRO B 265 -17.52 25.41 7.91
N ARG B 266 -16.92 24.21 7.94
CA ARG B 266 -15.50 24.09 7.64
C ARG B 266 -15.29 22.92 6.69
N VAL B 267 -14.41 23.15 5.71
CA VAL B 267 -14.04 22.16 4.71
C VAL B 267 -13.07 21.20 5.37
N VAL B 268 -13.46 19.93 5.49
CA VAL B 268 -12.62 18.91 6.10
C VAL B 268 -11.99 18.00 5.03
N ASP B 269 -12.75 17.56 4.02
CA ASP B 269 -12.26 16.49 3.14
C ASP B 269 -13.08 16.52 1.83
N THR B 270 -12.44 16.94 0.74
CA THR B 270 -13.17 17.10 -0.52
C THR B 270 -12.96 15.90 -1.42
N LEU B 271 -12.15 14.91 -0.99
CA LEU B 271 -11.91 13.75 -1.84
C LEU B 271 -13.17 12.89 -1.95
N GLY B 272 -13.62 12.70 -3.20
CA GLY B 272 -14.85 11.97 -3.44
C GLY B 272 -16.07 12.88 -3.53
N ALA B 273 -15.88 14.21 -3.40
CA ALA B 273 -17.01 15.15 -3.49
C ALA B 273 -17.68 15.03 -4.88
N GLY B 274 -16.87 14.90 -5.92
CA GLY B 274 -17.32 14.77 -7.31
C GLY B 274 -18.18 13.49 -7.44
N ASP B 275 -17.72 12.37 -6.84
CA ASP B 275 -18.50 11.11 -6.95
C ASP B 275 -19.75 11.16 -6.10
N THR B 276 -19.70 11.95 -5.02
CA THR B 276 -20.88 12.12 -4.19
C THR B 276 -21.97 12.87 -4.95
N PHE B 277 -21.54 13.91 -5.68
CA PHE B 277 -22.43 14.71 -6.49
C PHE B 277 -23.04 13.78 -7.55
N ASN B 278 -22.19 13.03 -8.24
CA ASN B 278 -22.69 12.19 -9.35
C ASN B 278 -23.72 11.20 -8.84
N ALA B 279 -23.38 10.49 -7.75
CA ALA B 279 -24.28 9.47 -7.20
C ALA B 279 -25.59 10.12 -6.77
N SER B 280 -25.48 11.32 -6.17
CA SER B 280 -26.72 11.93 -5.66
C SER B 280 -27.63 12.48 -6.79
N VAL B 281 -27.05 12.97 -7.88
CA VAL B 281 -27.83 13.35 -9.05
C VAL B 281 -28.50 12.11 -9.65
N ILE B 282 -27.73 11.05 -9.80
CA ILE B 282 -28.33 9.80 -10.32
C ILE B 282 -29.48 9.37 -9.45
N PHE B 283 -29.25 9.40 -8.13
CA PHE B 283 -30.25 8.89 -7.23
C PHE B 283 -31.52 9.73 -7.35
N SER B 284 -31.34 11.05 -7.28
CA SER B 284 -32.49 11.95 -7.37
C SER B 284 -33.24 11.76 -8.69
N LEU B 285 -32.53 11.72 -9.85
CA LEU B 285 -33.20 11.42 -11.12
C LEU B 285 -33.93 10.06 -11.10
N SER B 286 -33.31 9.02 -10.51
CA SER B 286 -33.89 7.67 -10.51
C SER B 286 -35.15 7.68 -9.67
N GLN B 287 -35.24 8.60 -8.70
CA GLN B 287 -36.43 8.72 -7.87
C GLN B 287 -37.52 9.52 -8.60
N GLY B 288 -37.26 9.97 -9.82
CA GLY B 288 -38.31 10.72 -10.52
C GLY B 288 -38.23 12.24 -10.35
N ARG B 289 -37.13 12.81 -9.79
CA ARG B 289 -37.13 14.26 -9.61
C ARG B 289 -36.72 14.92 -10.92
N SER B 290 -36.97 16.24 -11.06
CA SER B 290 -36.55 17.02 -12.21
C SER B 290 -35.04 17.19 -12.18
N VAL B 291 -34.45 17.52 -13.34
CA VAL B 291 -33.04 17.85 -13.44
C VAL B 291 -32.65 18.96 -12.47
N GLN B 292 -33.51 20.00 -12.33
CA GLN B 292 -33.13 21.12 -11.48
C GLN B 292 -33.08 20.65 -10.01
N GLU B 293 -34.05 19.84 -9.61
CA GLU B 293 -34.08 19.27 -8.26
C GLU B 293 -32.84 18.38 -8.04
N ALA B 294 -32.51 17.52 -9.01
CA ALA B 294 -31.37 16.61 -8.89
C ALA B 294 -30.06 17.39 -8.75
N LEU B 295 -29.91 18.47 -9.55
CA LEU B 295 -28.71 19.30 -9.53
C LEU B 295 -28.51 19.88 -8.13
N ARG B 296 -29.61 20.39 -7.59
CA ARG B 296 -29.55 21.03 -6.29
C ARG B 296 -29.22 19.99 -5.22
N PHE B 297 -29.92 18.84 -5.27
CA PHE B 297 -29.69 17.79 -4.29
C PHE B 297 -28.23 17.31 -4.36
N GLY B 298 -27.72 17.16 -5.58
CA GLY B 298 -26.33 16.74 -5.74
C GLY B 298 -25.38 17.75 -5.10
N CYS B 299 -25.63 19.06 -5.28
CA CYS B 299 -24.75 20.03 -4.65
C CYS B 299 -24.91 19.98 -3.11
N GLN B 300 -26.13 19.77 -2.61
CA GLN B 300 -26.29 19.75 -1.17
C GLN B 300 -25.55 18.55 -0.54
N VAL B 301 -25.70 17.34 -1.11
CA VAL B 301 -25.04 16.18 -0.51
C VAL B 301 -23.52 16.33 -0.62
N ALA B 302 -23.03 16.85 -1.75
CA ALA B 302 -21.59 16.97 -1.95
C ALA B 302 -21.08 18.03 -0.98
N GLY B 303 -21.81 19.10 -0.82
CA GLY B 303 -21.30 20.13 0.09
C GLY B 303 -21.25 19.61 1.54
N LYS B 304 -22.27 18.85 1.90
CA LYS B 304 -22.26 18.25 3.24
C LYS B 304 -21.04 17.33 3.41
N LYS B 305 -20.78 16.51 2.39
CA LYS B 305 -19.66 15.58 2.46
C LYS B 305 -18.32 16.30 2.65
N CYS B 306 -18.15 17.46 2.02
CA CYS B 306 -16.87 18.16 2.10
C CYS B 306 -16.57 18.60 3.56
N GLY B 307 -17.61 18.69 4.39
CA GLY B 307 -17.50 19.02 5.81
C GLY B 307 -17.17 17.81 6.68
N LEU B 308 -17.01 16.61 6.10
CA LEU B 308 -16.93 15.38 6.88
C LEU B 308 -15.75 14.57 6.39
N GLN B 309 -15.13 13.79 7.26
CA GLN B 309 -14.04 12.91 6.83
C GLN B 309 -14.71 11.66 6.25
N GLY B 310 -14.35 11.26 5.01
CA GLY B 310 -15.02 10.09 4.40
C GLY B 310 -16.52 10.31 4.15
N PHE B 311 -17.30 9.22 4.22
CA PHE B 311 -18.69 9.20 3.79
C PHE B 311 -19.66 9.09 4.96
N ASP B 312 -19.18 8.81 6.19
CA ASP B 312 -20.11 8.67 7.29
C ASP B 312 -20.84 9.99 7.51
N GLY B 313 -22.16 9.95 7.64
CA GLY B 313 -22.86 11.14 8.08
C GLY B 313 -23.29 12.00 6.91
N ILE B 314 -23.17 11.51 5.67
CA ILE B 314 -23.44 12.42 4.55
C ILE B 314 -24.93 12.68 4.38
N VAL B 315 -25.74 11.73 4.85
CA VAL B 315 -27.16 11.97 5.00
C VAL B 315 -27.56 11.39 6.37
O1 WNH C . 23.87 -3.26 2.30
C7 WNH C . 25.54 -3.62 -0.47
C6 WNH C . 25.45 -3.15 -2.68
C1 WNH C . 24.53 -2.12 -2.52
N1 WNH C . 21.95 0.70 0.19
C5 WNH C . 24.15 -1.93 -1.21
C4 WNH C . 23.23 -0.84 -0.89
C3 WNH C . 22.96 0.19 -1.75
C2 WNH C . 22.58 -0.47 0.31
C8 WNH C . 22.02 2.79 -3.10
C9 WNH C . 22.42 3.65 -0.72
C10 WNH C . 27.51 -4.54 2.20
C11 WNH C . 21.63 4.20 -3.50
C12 WNH C . 22.06 5.05 -1.22
C13 WNH C . 27.50 -4.85 0.71
C14 WNH C . 21.79 2.56 -1.59
C15 WNH C . 26.18 -3.71 1.98
C16 WNH C . 24.93 -4.02 2.82
C17 WNH C . 26.08 -3.36 -4.04
N2 WNH C . 24.62 -2.66 -0.19
N3 WNH C . 25.98 -3.91 -1.71
N4 WNH C . 22.22 1.09 -1.08
N5 WNH C . 22.37 5.19 -2.68
N6 WNH C . 26.11 -4.31 0.63
F1 WNH C . 25.22 -3.09 -5.09
F2 WNH C . 27.08 -2.59 -4.18
F3 WNH C . 26.53 -4.55 -4.24
S SO4 D . -8.37 -6.85 10.75
O1 SO4 D . -8.47 -6.17 9.50
O2 SO4 D . -9.65 -6.97 11.37
O3 SO4 D . -7.85 -8.15 10.52
O4 SO4 D . -7.50 -6.08 11.61
S SO4 E . 28.61 8.86 1.67
O1 SO4 E . 29.15 9.31 0.41
O2 SO4 E . 27.30 8.32 1.46
O3 SO4 E . 28.51 9.97 2.56
O4 SO4 E . 29.50 7.87 2.24
S SO4 F . 18.16 -2.28 4.34
O1 SO4 F . 19.14 -2.38 3.29
O2 SO4 F . 16.85 -1.82 3.73
O3 SO4 F . 18.74 -1.31 5.26
O4 SO4 F . 17.97 -3.62 4.97
C1 GOL G . 10.30 -2.45 7.09
O1 GOL G . 9.46 -1.60 6.32
C2 GOL G . 11.75 -2.40 6.61
O2 GOL G . 12.59 -3.04 7.56
C3 GOL G . 11.95 -3.03 5.25
O3 GOL G . 11.56 -4.40 5.23
O1 WNH H . -17.68 18.47 -6.18
C7 WNH H . -18.70 20.89 -4.29
C6 WNH H . -18.08 22.20 -2.54
C1 WNH H . -16.72 21.92 -2.73
N1 WNH H . -13.34 19.70 -5.19
C5 WNH H . -16.46 21.04 -3.77
C4 WNH H . -15.09 20.66 -4.11
C3 WNH H . -13.92 21.28 -3.71
C2 WNH H . -14.66 19.69 -5.04
C8 WNH H . -11.04 21.83 -3.10
C9 WNH H . -11.05 21.83 -5.63
C10 WNH H . -20.93 20.33 -6.86
C11 WNH H . -9.57 22.24 -3.17
C12 WNH H . -9.58 22.22 -5.61
C13 WNH H . -20.99 21.03 -5.49
C14 WNH H . -11.43 21.07 -4.37
C15 WNH H . -19.40 20.18 -6.60
C16 WNH H . -18.98 18.70 -6.72
C17 WNH H . -18.47 23.29 -1.59
N2 WNH H . -17.43 20.54 -4.56
N3 WNH H . -19.09 21.69 -3.28
N4 WNH H . -12.91 20.71 -4.38
N5 WNH H . -9.30 23.02 -4.39
N6 WNH H . -19.69 20.40 -5.19
F1 WNH H . -17.70 23.33 -0.48
F2 WNH H . -18.52 24.41 -2.20
F3 WNH H . -19.70 23.21 -1.10
S SO4 I . -6.79 5.82 -13.20
O1 SO4 I . -6.32 4.59 -13.79
O2 SO4 I . -8.12 6.13 -13.73
O3 SO4 I . -5.84 6.90 -13.51
O4 SO4 I . -6.90 5.69 -11.75
S SO4 J . -34.58 21.60 -0.09
O1 SO4 J . -35.88 20.97 -0.23
O2 SO4 J . -33.93 21.56 -1.38
O3 SO4 J . -33.81 20.87 0.88
O4 SO4 J . -34.71 22.96 0.35
S SO4 K . -11.65 28.22 -11.92
O1 SO4 K . -11.78 27.57 -13.19
O2 SO4 K . -12.93 28.26 -11.26
O3 SO4 K . -11.19 29.56 -12.12
O4 SO4 K . -10.69 27.49 -11.12
S SO4 L . -15.22 6.20 5.55
O1 SO4 L . -15.40 4.82 5.91
O2 SO4 L . -16.18 6.54 4.49
O3 SO4 L . -15.45 7.05 6.70
O4 SO4 L . -13.89 6.38 5.01
S SO4 M . -2.07 -9.96 -2.39
O1 SO4 M . -1.29 -10.30 -3.56
O2 SO4 M . -3.22 -9.10 -2.78
O3 SO4 M . -2.50 -11.20 -1.71
O4 SO4 M . -1.20 -9.23 -1.50
C1 GOL N . -12.72 6.05 0.85
O1 GOL N . -13.63 5.12 1.42
C2 GOL N . -13.37 7.40 0.62
O2 GOL N . -13.43 8.17 1.84
C3 GOL N . -12.81 8.16 -0.58
O3 GOL N . -12.31 7.29 -1.62
C1 GOL O . -34.00 12.09 -1.92
O1 GOL O . -34.88 10.98 -1.64
C2 GOL O . -34.17 12.71 -3.30
O2 GOL O . -35.50 12.53 -3.79
C3 GOL O . -33.84 14.18 -3.36
O3 GOL O . -34.07 14.78 -4.67
#